data_1RJY
#
_entry.id   1RJY
#
_cell.length_a   66.562
_cell.length_b   90.137
_cell.length_c   89.077
_cell.angle_alpha   90.00
_cell.angle_beta   111.39
_cell.angle_gamma   90.00
#
_symmetry.space_group_name_H-M   'P 1 21 1'
#
loop_
_entity.id
_entity.type
_entity.pdbx_description
1 polymer 'H-2 class I histocompatibility antigen, K-B alpha chain'
2 polymer Beta-2-microglobulin
3 polymer 'Glycoprotein B'
4 water water
#
loop_
_entity_poly.entity_id
_entity_poly.type
_entity_poly.pdbx_seq_one_letter_code
_entity_poly.pdbx_strand_id
1 'polypeptide(L)'
;GPHSLRYFVTAVSRPGLGEPRFISVGYVDNTEFVRFDSDAENPRYEPRARWMEQEGPEYWERETQKAKGNEQSFRVDLRT
LLGYYNQSKGGSHTIQVISGCEVGSDGRLLRGYQQYAYDGCDYIALNEDLKTWTAADMAALITKHKWEQAGEAERLRAYL
EGTCVEWLRRYLKNGNATLLRTDSPKAHVTHHSRPEDKVTLRCWALGFYPADITLTWQLNGEELIQDMELVETRPAGDGT
FQKWASVVVPLGKEQYYTCHVYHQGLPEPLTLRWEPPPST
;
A,D
2 'polypeptide(L)'
;MIQKTPQIQVYSRHPPENGKPNILNCYVTQFHPPHIEIQMLKNGKKIPKVEMSDMSFSKDWSFYILAHTEFTPTETDTYA
CRVKHDSMAEPKTVYWDRDM
;
B,E
3 'polypeptide(L)' SSIEFARL P,Q
#
# COMPACT_ATOMS: atom_id res chain seq x y z
N GLY A 1 -28.53 17.18 -12.55
CA GLY A 1 -27.07 16.99 -12.79
C GLY A 1 -26.77 15.67 -13.46
N PRO A 2 -25.53 15.16 -13.35
CA PRO A 2 -25.13 13.88 -13.95
C PRO A 2 -25.84 12.71 -13.28
N HIS A 3 -26.40 11.81 -14.08
CA HIS A 3 -27.10 10.65 -13.55
C HIS A 3 -26.48 9.36 -14.06
N SER A 4 -26.87 8.24 -13.47
CA SER A 4 -26.32 6.96 -13.87
C SER A 4 -27.27 5.77 -13.71
N LEU A 5 -26.98 4.72 -14.47
CA LEU A 5 -27.74 3.48 -14.44
C LEU A 5 -26.65 2.43 -14.35
N ARG A 6 -26.66 1.65 -13.28
CA ARG A 6 -25.65 0.62 -13.12
C ARG A 6 -26.19 -0.66 -12.53
N TYR A 7 -25.61 -1.76 -12.95
CA TYR A 7 -25.97 -3.07 -12.44
C TYR A 7 -24.74 -3.65 -11.74
N PHE A 8 -24.96 -4.08 -10.52
CA PHE A 8 -23.95 -4.69 -9.65
C PHE A 8 -24.38 -6.14 -9.59
N VAL A 9 -23.56 -7.03 -10.14
CA VAL A 9 -23.88 -8.44 -10.21
C VAL A 9 -22.85 -9.28 -9.48
N THR A 10 -23.33 -10.32 -8.79
CA THR A 10 -22.47 -11.20 -8.02
C THR A 10 -22.85 -12.67 -8.22
N ALA A 11 -21.83 -13.51 -8.35
CA ALA A 11 -22.02 -14.95 -8.45
C ALA A 11 -21.03 -15.53 -7.46
N VAL A 12 -21.54 -16.33 -6.52
CA VAL A 12 -20.72 -16.96 -5.48
C VAL A 12 -20.89 -18.48 -5.54
N SER A 13 -19.81 -19.21 -5.78
CA SER A 13 -19.93 -20.67 -5.84
C SER A 13 -20.04 -21.21 -4.41
N ARG A 14 -20.82 -22.28 -4.26
CA ARG A 14 -21.03 -22.91 -2.96
C ARG A 14 -20.84 -24.42 -3.11
N PRO A 15 -19.62 -24.85 -3.43
CA PRO A 15 -19.38 -26.28 -3.59
C PRO A 15 -19.93 -27.13 -2.44
N GLY A 16 -20.68 -28.16 -2.80
CA GLY A 16 -21.24 -29.06 -1.80
C GLY A 16 -22.45 -28.51 -1.04
N LEU A 17 -22.92 -27.33 -1.43
CA LEU A 17 -24.08 -26.73 -0.77
C LEU A 17 -25.20 -26.49 -1.77
N GLY A 18 -24.88 -26.53 -3.06
CA GLY A 18 -25.87 -26.31 -4.09
C GLY A 18 -25.32 -25.44 -5.20
N GLU A 19 -26.20 -24.95 -6.08
CA GLU A 19 -25.78 -24.09 -7.19
C GLU A 19 -25.25 -22.76 -6.69
N PRO A 20 -24.51 -22.04 -7.53
CA PRO A 20 -23.97 -20.74 -7.11
C PRO A 20 -25.09 -19.75 -6.77
N ARG A 21 -24.84 -18.87 -5.82
CA ARG A 21 -25.82 -17.85 -5.44
C ARG A 21 -25.57 -16.71 -6.43
N PHE A 22 -26.59 -16.36 -7.21
CA PHE A 22 -26.47 -15.30 -8.20
C PHE A 22 -27.40 -14.14 -7.84
N ILE A 23 -26.84 -12.93 -7.83
CA ILE A 23 -27.61 -11.73 -7.51
C ILE A 23 -27.27 -10.58 -8.44
N SER A 24 -28.31 -9.93 -8.95
CA SER A 24 -28.15 -8.80 -9.85
C SER A 24 -28.96 -7.65 -9.26
N VAL A 25 -28.29 -6.51 -9.07
CA VAL A 25 -28.94 -5.33 -8.51
C VAL A 25 -28.76 -4.13 -9.45
N GLY A 26 -29.87 -3.45 -9.73
CA GLY A 26 -29.83 -2.31 -10.61
C GLY A 26 -29.97 -1.03 -9.82
N TYR A 27 -29.17 -0.03 -10.18
CA TYR A 27 -29.21 1.26 -9.51
C TYR A 27 -29.38 2.42 -10.47
N VAL A 28 -30.08 3.45 -10.01
CA VAL A 28 -30.27 4.68 -10.77
C VAL A 28 -29.85 5.73 -9.77
N ASP A 29 -28.74 6.41 -10.05
CA ASP A 29 -28.26 7.45 -9.15
C ASP A 29 -27.98 6.90 -7.75
N ASN A 30 -27.31 5.76 -7.70
CA ASN A 30 -26.97 5.10 -6.42
C ASN A 30 -28.17 4.66 -5.60
N THR A 31 -29.34 4.55 -6.25
CA THR A 31 -30.55 4.11 -5.56
C THR A 31 -31.01 2.80 -6.17
N GLU A 32 -31.13 1.76 -5.35
CA GLU A 32 -31.56 0.44 -5.83
C GLU A 32 -32.99 0.50 -6.36
N PHE A 33 -33.20 0.06 -7.61
CA PHE A 33 -34.56 0.07 -8.16
C PHE A 33 -35.05 -1.31 -8.61
N VAL A 34 -34.12 -2.24 -8.83
CA VAL A 34 -34.48 -3.63 -9.21
C VAL A 34 -33.46 -4.62 -8.64
N ARG A 35 -33.92 -5.84 -8.36
CA ARG A 35 -33.06 -6.87 -7.83
C ARG A 35 -33.54 -8.27 -8.19
N PHE A 36 -32.59 -9.12 -8.56
CA PHE A 36 -32.86 -10.51 -8.90
C PHE A 36 -31.96 -11.33 -7.99
N ASP A 37 -32.55 -12.25 -7.24
CA ASP A 37 -31.79 -13.10 -6.34
C ASP A 37 -32.17 -14.56 -6.65
N SER A 38 -31.19 -15.37 -7.05
CA SER A 38 -31.44 -16.76 -7.40
C SER A 38 -31.88 -17.65 -6.25
N ASP A 39 -31.80 -17.15 -5.03
CA ASP A 39 -32.18 -17.95 -3.88
C ASP A 39 -33.69 -18.03 -3.63
N ALA A 40 -34.44 -18.36 -4.67
CA ALA A 40 -35.88 -18.49 -4.57
C ALA A 40 -36.33 -19.69 -5.39
N GLU A 41 -37.48 -20.26 -5.04
CA GLU A 41 -38.03 -21.42 -5.74
C GLU A 41 -38.28 -21.06 -7.20
N ASN A 42 -38.65 -19.81 -7.42
CA ASN A 42 -38.92 -19.29 -8.76
C ASN A 42 -38.43 -17.84 -8.80
N PRO A 43 -37.11 -17.65 -8.89
CA PRO A 43 -36.46 -16.34 -8.92
C PRO A 43 -36.85 -15.47 -10.12
N ARG A 44 -37.02 -14.18 -9.87
CA ARG A 44 -37.38 -13.24 -10.93
C ARG A 44 -36.98 -11.84 -10.49
N TYR A 45 -36.87 -10.93 -11.44
CA TYR A 45 -36.54 -9.55 -11.11
C TYR A 45 -37.70 -8.96 -10.34
N GLU A 46 -37.41 -8.21 -9.30
CA GLU A 46 -38.45 -7.60 -8.48
C GLU A 46 -38.20 -6.10 -8.38
N PRO A 47 -39.27 -5.31 -8.28
CA PRO A 47 -39.08 -3.87 -8.18
C PRO A 47 -38.58 -3.58 -6.76
N ARG A 48 -37.72 -2.57 -6.62
CA ARG A 48 -37.19 -2.23 -5.31
C ARG A 48 -37.56 -0.78 -5.01
N ALA A 49 -38.06 -0.10 -6.03
CA ALA A 49 -38.50 1.30 -5.91
C ALA A 49 -39.90 1.41 -6.51
N ARG A 50 -40.82 2.00 -5.74
CA ARG A 50 -42.21 2.16 -6.16
C ARG A 50 -42.41 2.57 -7.62
N TRP A 51 -41.73 3.63 -8.04
CA TRP A 51 -41.88 4.10 -9.42
C TRP A 51 -41.59 3.07 -10.50
N MET A 52 -41.08 1.90 -10.13
CA MET A 52 -40.77 0.88 -11.12
C MET A 52 -41.97 -0.02 -11.42
N GLU A 53 -42.93 -0.04 -10.50
CA GLU A 53 -44.13 -0.85 -10.70
C GLU A 53 -44.93 -0.30 -11.86
N GLN A 54 -44.43 0.79 -12.45
CA GLN A 54 -45.06 1.41 -13.61
C GLN A 54 -44.79 0.59 -14.87
N GLU A 55 -43.83 -0.32 -14.78
CA GLU A 55 -43.48 -1.18 -15.92
C GLU A 55 -44.47 -2.33 -16.02
N GLY A 56 -44.71 -2.79 -17.25
CA GLY A 56 -45.64 -3.88 -17.47
C GLY A 56 -45.06 -5.25 -17.23
N PRO A 57 -45.91 -6.28 -17.03
CA PRO A 57 -45.45 -7.64 -16.78
C PRO A 57 -44.54 -8.20 -17.88
N GLU A 58 -44.50 -7.51 -19.02
CA GLU A 58 -43.66 -7.94 -20.13
C GLU A 58 -42.21 -7.59 -19.82
N TYR A 59 -42.02 -6.43 -19.20
CA TYR A 59 -40.69 -5.95 -18.84
C TYR A 59 -40.01 -6.90 -17.87
N TRP A 60 -40.72 -7.29 -16.82
CA TRP A 60 -40.18 -8.19 -15.80
C TRP A 60 -39.88 -9.59 -16.33
N GLU A 61 -40.74 -10.09 -17.21
CA GLU A 61 -40.53 -11.41 -17.79
C GLU A 61 -39.25 -11.39 -18.59
N ARG A 62 -39.08 -10.33 -19.37
CA ARG A 62 -37.89 -10.19 -20.20
C ARG A 62 -36.64 -10.04 -19.36
N GLU A 63 -36.66 -9.12 -18.39
CA GLU A 63 -35.50 -8.91 -17.52
C GLU A 63 -35.15 -10.19 -16.77
N THR A 64 -36.16 -10.89 -16.26
CA THR A 64 -35.96 -12.12 -15.52
C THR A 64 -35.22 -13.17 -16.35
N GLN A 65 -35.66 -13.37 -17.59
CA GLN A 65 -35.02 -14.36 -18.45
C GLN A 65 -33.58 -13.95 -18.77
N LYS A 66 -33.35 -12.64 -18.88
CA LYS A 66 -32.02 -12.13 -19.16
C LYS A 66 -31.10 -12.38 -17.96
N ALA A 67 -31.65 -12.27 -16.75
CA ALA A 67 -30.87 -12.50 -15.54
C ALA A 67 -30.59 -14.00 -15.41
N LYS A 68 -31.58 -14.82 -15.75
CA LYS A 68 -31.40 -16.26 -15.67
C LYS A 68 -30.31 -16.67 -16.66
N GLY A 69 -30.25 -15.96 -17.78
CA GLY A 69 -29.25 -16.22 -18.78
C GLY A 69 -27.86 -15.88 -18.27
N ASN A 70 -27.75 -14.74 -17.60
CA ASN A 70 -26.47 -14.32 -17.04
C ASN A 70 -26.07 -15.25 -15.89
N GLU A 71 -27.04 -15.73 -15.14
CA GLU A 71 -26.75 -16.66 -14.05
C GLU A 71 -26.02 -17.87 -14.62
N GLN A 72 -26.47 -18.35 -15.77
CA GLN A 72 -25.86 -19.50 -16.42
C GLN A 72 -24.43 -19.18 -16.88
N SER A 73 -24.26 -18.03 -17.52
CA SER A 73 -22.95 -17.59 -17.99
C SER A 73 -21.98 -17.51 -16.81
N PHE A 74 -22.42 -16.90 -15.71
CA PHE A 74 -21.57 -16.79 -14.53
C PHE A 74 -21.25 -18.15 -13.93
N ARG A 75 -22.19 -19.08 -14.03
CA ARG A 75 -21.99 -20.43 -13.51
C ARG A 75 -20.82 -21.03 -14.29
N VAL A 76 -20.86 -20.86 -15.61
CA VAL A 76 -19.80 -21.36 -16.47
C VAL A 76 -18.49 -20.60 -16.18
N ASP A 77 -18.58 -19.28 -16.10
CA ASP A 77 -17.41 -18.46 -15.82
C ASP A 77 -16.67 -18.87 -14.55
N LEU A 78 -17.41 -19.22 -13.51
CA LEU A 78 -16.79 -19.65 -12.26
C LEU A 78 -15.92 -20.89 -12.52
N ARG A 79 -16.44 -21.84 -13.29
CA ARG A 79 -15.70 -23.04 -13.62
C ARG A 79 -14.45 -22.69 -14.44
N THR A 80 -14.62 -21.84 -15.44
CA THR A 80 -13.51 -21.40 -16.29
C THR A 80 -12.38 -20.80 -15.47
N LEU A 81 -12.73 -19.95 -14.50
CA LEU A 81 -11.72 -19.32 -13.68
C LEU A 81 -10.99 -20.31 -12.78
N LEU A 82 -11.66 -21.40 -12.39
CA LEU A 82 -10.98 -22.41 -11.56
C LEU A 82 -9.81 -22.94 -12.39
N GLY A 83 -10.02 -23.06 -13.71
CA GLY A 83 -8.99 -23.54 -14.59
C GLY A 83 -7.87 -22.54 -14.76
N TYR A 84 -8.21 -21.30 -15.13
CA TYR A 84 -7.23 -20.23 -15.33
C TYR A 84 -6.29 -20.03 -14.14
N TYR A 85 -6.81 -20.20 -12.93
CA TYR A 85 -6.02 -20.00 -11.72
C TYR A 85 -5.60 -21.29 -11.04
N ASN A 86 -5.86 -22.43 -11.67
CA ASN A 86 -5.52 -23.73 -11.10
C ASN A 86 -5.99 -23.82 -9.64
N GLN A 87 -7.29 -23.75 -9.44
CA GLN A 87 -7.86 -23.82 -8.11
C GLN A 87 -8.75 -25.05 -8.01
N SER A 88 -8.97 -25.54 -6.80
CA SER A 88 -9.79 -26.74 -6.62
C SER A 88 -11.30 -26.47 -6.71
N LYS A 89 -12.07 -27.52 -6.92
CA LYS A 89 -13.52 -27.41 -7.02
C LYS A 89 -14.18 -27.42 -5.65
N GLY A 90 -13.38 -27.48 -4.59
CA GLY A 90 -13.92 -27.52 -3.25
C GLY A 90 -14.00 -26.17 -2.52
N GLY A 91 -13.49 -25.11 -3.13
CA GLY A 91 -13.53 -23.82 -2.47
C GLY A 91 -14.59 -22.89 -3.05
N SER A 92 -14.97 -21.89 -2.26
CA SER A 92 -15.96 -20.90 -2.70
C SER A 92 -15.25 -19.70 -3.32
N HIS A 93 -15.74 -19.25 -4.47
CA HIS A 93 -15.14 -18.10 -5.14
C HIS A 93 -16.23 -17.13 -5.55
N THR A 94 -15.85 -15.89 -5.80
CA THR A 94 -16.81 -14.85 -6.17
C THR A 94 -16.45 -14.11 -7.45
N ILE A 95 -17.43 -13.86 -8.29
CA ILE A 95 -17.23 -13.09 -9.51
C ILE A 95 -18.18 -11.91 -9.38
N GLN A 96 -17.65 -10.71 -9.59
CA GLN A 96 -18.47 -9.51 -9.49
C GLN A 96 -18.28 -8.66 -10.73
N VAL A 97 -19.35 -7.94 -11.09
CA VAL A 97 -19.37 -7.09 -12.26
C VAL A 97 -20.15 -5.83 -11.99
N ILE A 98 -19.64 -4.70 -12.49
CA ILE A 98 -20.32 -3.42 -12.39
C ILE A 98 -20.45 -3.00 -13.85
N SER A 99 -21.69 -2.93 -14.33
CA SER A 99 -21.98 -2.56 -15.71
C SER A 99 -22.97 -1.41 -15.77
N GLY A 100 -22.64 -0.37 -16.52
CA GLY A 100 -23.56 0.76 -16.60
C GLY A 100 -23.06 1.98 -17.33
N CYS A 101 -23.84 3.05 -17.24
CA CYS A 101 -23.51 4.29 -17.91
C CYS A 101 -23.86 5.51 -17.08
N GLU A 102 -23.18 6.61 -17.35
CA GLU A 102 -23.45 7.86 -16.66
C GLU A 102 -23.68 8.92 -17.73
N VAL A 103 -24.75 9.69 -17.58
CA VAL A 103 -25.09 10.71 -18.57
C VAL A 103 -25.05 12.11 -17.96
N GLY A 104 -24.98 13.11 -18.84
CA GLY A 104 -24.95 14.50 -18.39
C GLY A 104 -26.37 15.01 -18.23
N SER A 105 -26.52 16.29 -17.92
CA SER A 105 -27.85 16.87 -17.74
C SER A 105 -28.61 16.99 -19.07
N ASP A 106 -27.89 16.81 -20.17
CA ASP A 106 -28.51 16.89 -21.49
C ASP A 106 -28.98 15.52 -21.97
N GLY A 107 -28.72 14.50 -21.14
CA GLY A 107 -29.13 13.15 -21.48
C GLY A 107 -28.13 12.34 -22.29
N ARG A 108 -26.96 12.90 -22.54
CA ARG A 108 -25.93 12.21 -23.31
C ARG A 108 -24.92 11.47 -22.43
N LEU A 109 -24.35 10.40 -22.98
CA LEU A 109 -23.37 9.59 -22.25
C LEU A 109 -22.09 10.33 -21.88
N LEU A 110 -21.69 10.23 -20.61
CA LEU A 110 -20.48 10.87 -20.12
C LEU A 110 -19.36 9.84 -19.93
N ARG A 111 -19.75 8.59 -19.73
CA ARG A 111 -18.80 7.49 -19.52
C ARG A 111 -19.53 6.19 -19.25
N GLY A 112 -18.98 5.09 -19.77
CA GLY A 112 -19.60 3.79 -19.57
C GLY A 112 -18.70 2.85 -18.79
N TYR A 113 -19.30 1.94 -18.04
CA TYR A 113 -18.52 1.00 -17.25
C TYR A 113 -18.82 -0.46 -17.62
N GLN A 114 -17.84 -1.31 -17.35
CA GLN A 114 -17.95 -2.75 -17.60
C GLN A 114 -16.68 -3.31 -16.98
N GLN A 115 -16.72 -3.50 -15.66
CA GLN A 115 -15.57 -4.00 -14.93
C GLN A 115 -15.87 -5.26 -14.14
N TYR A 116 -14.92 -6.18 -14.17
CA TYR A 116 -15.03 -7.46 -13.48
C TYR A 116 -14.04 -7.60 -12.33
N ALA A 117 -14.35 -8.48 -11.40
CA ALA A 117 -13.49 -8.74 -10.27
C ALA A 117 -13.66 -10.20 -9.92
N TYR A 118 -12.54 -10.83 -9.56
CA TYR A 118 -12.56 -12.22 -9.14
C TYR A 118 -12.04 -12.24 -7.71
N ASP A 119 -12.82 -12.84 -6.82
CA ASP A 119 -12.49 -12.91 -5.40
C ASP A 119 -12.05 -11.55 -4.84
N GLY A 120 -12.83 -10.51 -5.16
CA GLY A 120 -12.54 -9.19 -4.64
C GLY A 120 -11.39 -8.39 -5.26
N CYS A 121 -10.80 -8.90 -6.34
CA CYS A 121 -9.70 -8.22 -7.01
C CYS A 121 -10.04 -7.93 -8.47
N ASP A 122 -9.69 -6.74 -8.93
CA ASP A 122 -9.96 -6.37 -10.31
C ASP A 122 -9.48 -7.48 -11.24
N TYR A 123 -10.29 -7.79 -12.26
CA TYR A 123 -9.94 -8.84 -13.19
C TYR A 123 -9.74 -8.22 -14.57
N ILE A 124 -10.79 -7.62 -15.12
CA ILE A 124 -10.70 -6.98 -16.43
C ILE A 124 -11.71 -5.82 -16.47
N ALA A 125 -11.39 -4.78 -17.24
CA ALA A 125 -12.27 -3.63 -17.35
C ALA A 125 -12.15 -2.99 -18.72
N LEU A 126 -13.25 -2.41 -19.20
CA LEU A 126 -13.24 -1.74 -20.49
C LEU A 126 -12.74 -0.32 -20.24
N ASN A 127 -11.80 0.14 -21.05
CA ASN A 127 -11.22 1.48 -20.90
C ASN A 127 -12.22 2.56 -21.28
N GLU A 128 -11.97 3.80 -20.85
CA GLU A 128 -12.87 4.91 -21.15
C GLU A 128 -13.13 5.08 -22.65
N ASP A 129 -12.15 4.76 -23.48
CA ASP A 129 -12.33 4.89 -24.92
C ASP A 129 -13.39 3.92 -25.43
N LEU A 130 -13.75 2.95 -24.60
CA LEU A 130 -14.75 1.94 -24.93
C LEU A 130 -14.34 1.10 -26.14
N LYS A 131 -13.05 0.84 -26.27
CA LYS A 131 -12.55 0.04 -27.39
C LYS A 131 -11.48 -0.96 -26.97
N THR A 132 -10.70 -0.59 -25.97
CA THR A 132 -9.62 -1.46 -25.48
C THR A 132 -9.91 -1.99 -24.06
N TRP A 133 -9.20 -3.03 -23.67
CA TRP A 133 -9.37 -3.65 -22.35
C TRP A 133 -8.12 -3.64 -21.49
N THR A 134 -8.31 -3.51 -20.18
CA THR A 134 -7.21 -3.53 -19.23
C THR A 134 -7.31 -4.82 -18.41
N ALA A 135 -6.35 -5.72 -18.62
CA ALA A 135 -6.33 -6.99 -17.90
C ALA A 135 -5.50 -6.80 -16.65
N ALA A 136 -5.95 -7.38 -15.53
CA ALA A 136 -5.25 -7.23 -14.25
C ALA A 136 -4.13 -8.25 -14.02
N ASP A 137 -4.24 -9.42 -14.64
CA ASP A 137 -3.23 -10.46 -14.49
C ASP A 137 -3.18 -11.40 -15.69
N MET A 138 -2.38 -12.45 -15.61
CA MET A 138 -2.24 -13.39 -16.72
C MET A 138 -3.56 -14.07 -17.09
N ALA A 139 -4.37 -14.41 -16.10
CA ALA A 139 -5.64 -15.06 -16.40
C ALA A 139 -6.51 -14.12 -17.22
N ALA A 140 -6.60 -12.87 -16.80
CA ALA A 140 -7.40 -11.87 -17.49
C ALA A 140 -6.98 -11.65 -18.95
N LEU A 141 -5.73 -11.93 -19.26
CA LEU A 141 -5.25 -11.76 -20.63
C LEU A 141 -5.93 -12.75 -21.58
N ILE A 142 -6.21 -13.96 -21.08
CA ILE A 142 -6.87 -14.98 -21.89
C ILE A 142 -8.25 -14.46 -22.27
N THR A 143 -8.94 -13.87 -21.30
CA THR A 143 -10.27 -13.32 -21.52
C THR A 143 -10.21 -12.16 -22.49
N LYS A 144 -9.23 -11.29 -22.27
CA LYS A 144 -9.04 -10.11 -23.11
C LYS A 144 -8.90 -10.48 -24.58
N HIS A 145 -8.07 -11.49 -24.87
CA HIS A 145 -7.85 -11.90 -26.24
C HIS A 145 -9.11 -12.49 -26.87
N LYS A 146 -9.94 -13.16 -26.09
CA LYS A 146 -11.18 -13.72 -26.61
C LYS A 146 -12.13 -12.59 -26.97
N TRP A 147 -12.27 -11.64 -26.05
CA TRP A 147 -13.17 -10.51 -26.28
C TRP A 147 -12.71 -9.58 -27.41
N GLU A 148 -11.40 -9.49 -27.61
CA GLU A 148 -10.86 -8.64 -28.66
C GLU A 148 -11.20 -9.28 -30.01
N GLN A 149 -11.08 -10.61 -30.06
CA GLN A 149 -11.37 -11.34 -31.29
C GLN A 149 -12.86 -11.32 -31.63
N ALA A 150 -13.71 -11.41 -30.62
CA ALA A 150 -15.16 -11.42 -30.82
C ALA A 150 -15.78 -10.03 -30.89
N GLY A 151 -14.96 -8.99 -30.76
CA GLY A 151 -15.47 -7.62 -30.83
C GLY A 151 -16.38 -7.24 -29.68
N GLU A 152 -16.15 -7.84 -28.51
CA GLU A 152 -16.96 -7.56 -27.34
C GLU A 152 -17.04 -6.07 -26.99
N ALA A 153 -15.91 -5.37 -27.13
CA ALA A 153 -15.88 -3.94 -26.83
C ALA A 153 -16.90 -3.18 -27.68
N GLU A 154 -17.04 -3.58 -28.94
CA GLU A 154 -17.98 -2.93 -29.85
C GLU A 154 -19.42 -3.18 -29.43
N ARG A 155 -19.69 -4.39 -28.97
CA ARG A 155 -21.03 -4.76 -28.53
C ARG A 155 -21.43 -3.95 -27.30
N LEU A 156 -20.48 -3.74 -26.40
CA LEU A 156 -20.75 -2.99 -25.17
C LEU A 156 -20.94 -1.50 -25.46
N ARG A 157 -20.13 -0.97 -26.37
CA ARG A 157 -20.24 0.45 -26.70
C ARG A 157 -21.63 0.74 -27.27
N ALA A 158 -22.16 -0.22 -28.02
CA ALA A 158 -23.48 -0.06 -28.63
C ALA A 158 -24.56 -0.06 -27.54
N TYR A 159 -24.36 -0.91 -26.53
CA TYR A 159 -25.28 -1.02 -25.41
C TYR A 159 -25.20 0.22 -24.53
N LEU A 160 -23.98 0.64 -24.24
CA LEU A 160 -23.74 1.79 -23.38
C LEU A 160 -24.30 3.11 -23.93
N GLU A 161 -24.00 3.39 -25.20
CA GLU A 161 -24.46 4.62 -25.83
C GLU A 161 -25.92 4.57 -26.26
N GLY A 162 -26.41 3.37 -26.52
CA GLY A 162 -27.80 3.21 -26.94
C GLY A 162 -28.72 2.75 -25.84
N THR A 163 -28.93 1.44 -25.74
CA THR A 163 -29.80 0.84 -24.74
C THR A 163 -29.67 1.41 -23.33
N CYS A 164 -28.47 1.40 -22.77
CA CYS A 164 -28.27 1.90 -21.40
C CYS A 164 -28.82 3.32 -21.24
N VAL A 165 -28.36 4.24 -22.08
CA VAL A 165 -28.80 5.64 -22.01
C VAL A 165 -30.30 5.79 -22.20
N GLU A 166 -30.83 5.17 -23.27
CA GLU A 166 -32.25 5.24 -23.56
C GLU A 166 -33.10 4.79 -22.38
N TRP A 167 -32.71 3.69 -21.74
CA TRP A 167 -33.47 3.22 -20.58
C TRP A 167 -33.26 4.11 -19.36
N LEU A 168 -32.06 4.65 -19.21
CA LEU A 168 -31.80 5.54 -18.07
C LEU A 168 -32.76 6.72 -18.18
N ARG A 169 -32.84 7.31 -19.38
CA ARG A 169 -33.72 8.44 -19.61
C ARG A 169 -35.13 8.03 -19.18
N ARG A 170 -35.56 6.86 -19.63
CA ARG A 170 -36.89 6.38 -19.28
C ARG A 170 -37.05 6.29 -17.77
N TYR A 171 -36.08 5.68 -17.09
CA TYR A 171 -36.13 5.53 -15.64
C TYR A 171 -36.14 6.89 -14.94
N LEU A 172 -35.17 7.74 -15.28
CA LEU A 172 -35.05 9.07 -14.69
C LEU A 172 -36.34 9.86 -14.73
N LYS A 173 -37.12 9.71 -15.79
CA LYS A 173 -38.36 10.45 -15.92
C LYS A 173 -39.50 9.77 -15.16
N ASN A 174 -39.31 8.49 -14.82
CA ASN A 174 -40.33 7.76 -14.09
C ASN A 174 -40.13 7.87 -12.57
N GLY A 175 -38.88 8.05 -12.16
CA GLY A 175 -38.59 8.16 -10.74
C GLY A 175 -37.97 9.48 -10.34
N ASN A 176 -37.90 10.42 -11.29
CA ASN A 176 -37.32 11.72 -11.05
C ASN A 176 -37.78 12.36 -9.74
N ALA A 177 -39.09 12.46 -9.56
CA ALA A 177 -39.64 13.06 -8.35
C ALA A 177 -39.12 12.36 -7.10
N THR A 178 -39.06 11.02 -7.13
CA THR A 178 -38.58 10.26 -5.98
C THR A 178 -37.07 10.41 -5.83
N LEU A 179 -36.35 10.35 -6.94
CA LEU A 179 -34.90 10.46 -6.92
C LEU A 179 -34.40 11.81 -6.43
N LEU A 180 -35.23 12.85 -6.59
CA LEU A 180 -34.84 14.19 -6.14
C LEU A 180 -35.19 14.41 -4.67
N ARG A 181 -35.75 13.39 -4.03
CA ARG A 181 -36.12 13.45 -2.62
C ARG A 181 -34.98 13.99 -1.76
N THR A 182 -35.33 14.82 -0.79
CA THR A 182 -34.35 15.43 0.10
C THR A 182 -34.87 15.52 1.55
N ASP A 183 -34.06 15.06 2.50
CA ASP A 183 -34.42 15.10 3.92
C ASP A 183 -33.31 15.80 4.70
N SER A 184 -33.59 17.00 5.17
CA SER A 184 -32.60 17.76 5.91
C SER A 184 -32.20 17.14 7.24
N PRO A 185 -30.93 17.29 7.62
CA PRO A 185 -30.50 16.71 8.89
C PRO A 185 -30.93 17.62 10.04
N LYS A 186 -31.10 17.01 11.20
CA LYS A 186 -31.40 17.73 12.41
C LYS A 186 -30.13 17.50 13.21
N ALA A 187 -29.56 18.58 13.76
CA ALA A 187 -28.31 18.44 14.49
C ALA A 187 -28.37 18.98 15.91
N HIS A 188 -27.45 18.49 16.72
CA HIS A 188 -27.34 18.92 18.11
C HIS A 188 -25.97 18.46 18.59
N VAL A 189 -25.47 19.13 19.62
CA VAL A 189 -24.16 18.82 20.17
C VAL A 189 -24.27 18.19 21.55
N THR A 190 -23.54 17.09 21.78
CA THR A 190 -23.53 16.45 23.10
C THR A 190 -22.19 16.72 23.77
N HIS A 191 -22.16 16.64 25.10
CA HIS A 191 -20.97 16.93 25.90
C HIS A 191 -20.58 15.69 26.70
N HIS A 192 -19.31 15.31 26.63
CA HIS A 192 -18.83 14.11 27.33
C HIS A 192 -17.50 14.33 28.04
N SER A 193 -17.38 13.76 29.24
CA SER A 193 -16.17 13.90 30.04
C SER A 193 -14.96 13.21 29.43
N ARG A 194 -13.78 13.68 29.83
CA ARG A 194 -12.52 13.12 29.36
C ARG A 194 -11.52 13.13 30.50
N PRO A 195 -10.56 12.19 30.48
CA PRO A 195 -9.57 12.16 31.56
C PRO A 195 -8.89 13.51 31.81
N GLU A 196 -9.01 13.99 33.05
CA GLU A 196 -8.44 15.25 33.50
C GLU A 196 -9.22 16.51 33.13
N ASP A 197 -8.54 17.52 32.60
CA ASP A 197 -9.18 18.79 32.27
C ASP A 197 -9.61 18.96 30.82
N LYS A 198 -10.13 17.90 30.21
CA LYS A 198 -10.59 17.95 28.84
C LYS A 198 -12.02 17.40 28.71
N VAL A 199 -12.66 17.69 27.59
CA VAL A 199 -14.01 17.19 27.37
C VAL A 199 -14.17 16.98 25.88
N THR A 200 -15.17 16.20 25.51
CA THR A 200 -15.44 15.90 24.11
C THR A 200 -16.75 16.56 23.71
N LEU A 201 -16.75 17.20 22.55
CA LEU A 201 -17.98 17.79 22.04
C LEU A 201 -18.27 16.94 20.80
N ARG A 202 -19.47 16.40 20.72
CA ARG A 202 -19.83 15.58 19.58
C ARG A 202 -21.03 16.19 18.87
N CYS A 203 -20.86 16.42 17.58
CA CYS A 203 -21.89 17.02 16.75
C CYS A 203 -22.61 15.95 15.93
N TRP A 204 -23.92 15.83 16.17
CA TRP A 204 -24.74 14.84 15.49
C TRP A 204 -25.61 15.39 14.37
N ALA A 205 -25.68 14.64 13.28
CA ALA A 205 -26.52 14.97 12.13
C ALA A 205 -27.38 13.71 12.01
N LEU A 206 -28.68 13.87 12.16
CA LEU A 206 -29.60 12.74 12.11
C LEU A 206 -30.75 12.88 11.12
N GLY A 207 -31.22 11.75 10.64
CA GLY A 207 -32.35 11.72 9.72
C GLY A 207 -32.22 12.43 8.39
N PHE A 208 -31.02 12.47 7.82
CA PHE A 208 -30.86 13.13 6.53
C PHE A 208 -30.85 12.17 5.36
N TYR A 209 -31.08 12.72 4.17
CA TYR A 209 -31.08 11.95 2.93
C TYR A 209 -30.90 12.91 1.76
N PRO A 210 -30.04 12.58 0.77
CA PRO A 210 -29.22 11.36 0.67
C PRO A 210 -28.05 11.35 1.66
N ALA A 211 -27.27 10.27 1.62
CA ALA A 211 -26.16 10.09 2.55
C ALA A 211 -25.05 11.15 2.53
N ASP A 212 -24.80 11.77 1.38
CA ASP A 212 -23.76 12.79 1.27
C ASP A 212 -23.97 13.93 2.26
N ILE A 213 -22.94 14.20 3.06
CA ILE A 213 -23.02 15.26 4.05
C ILE A 213 -21.60 15.55 4.50
N THR A 214 -21.41 16.73 5.08
CA THR A 214 -20.11 17.12 5.59
C THR A 214 -20.31 17.77 6.95
N LEU A 215 -19.51 17.36 7.93
CA LEU A 215 -19.57 17.93 9.28
C LEU A 215 -18.20 18.48 9.60
N THR A 216 -18.13 19.69 10.15
CA THR A 216 -16.84 20.28 10.51
C THR A 216 -16.94 20.97 11.87
N TRP A 217 -15.79 21.15 12.49
CA TRP A 217 -15.71 21.85 13.76
C TRP A 217 -14.75 23.01 13.54
N GLN A 218 -15.10 24.17 14.06
CA GLN A 218 -14.23 25.34 13.91
C GLN A 218 -13.88 25.90 15.28
N LEU A 219 -12.68 26.46 15.37
CA LEU A 219 -12.23 27.11 16.59
C LEU A 219 -12.05 28.55 16.16
N ASN A 220 -12.88 29.43 16.72
CA ASN A 220 -12.83 30.84 16.39
C ASN A 220 -12.80 31.09 14.87
N GLY A 221 -13.71 30.43 14.16
CA GLY A 221 -13.79 30.62 12.71
C GLY A 221 -12.87 29.80 11.82
N GLU A 222 -11.87 29.13 12.38
CA GLU A 222 -10.96 28.32 11.57
C GLU A 222 -11.36 26.84 11.68
N GLU A 223 -11.36 26.14 10.55
CA GLU A 223 -11.72 24.72 10.52
C GLU A 223 -10.67 23.85 11.19
N LEU A 224 -11.13 22.90 12.01
CA LEU A 224 -10.25 21.98 12.72
C LEU A 224 -10.34 20.60 12.11
N ILE A 225 -9.50 20.29 11.14
CA ILE A 225 -9.55 18.98 10.49
C ILE A 225 -8.47 18.00 10.98
N GLN A 226 -7.67 18.40 11.96
CA GLN A 226 -6.62 17.51 12.45
C GLN A 226 -7.10 16.48 13.47
N ASP A 227 -7.12 16.84 14.75
CA ASP A 227 -7.55 15.91 15.80
C ASP A 227 -9.07 15.79 15.97
N MET A 228 -9.80 15.73 14.87
CA MET A 228 -11.25 15.58 14.93
C MET A 228 -11.67 14.18 14.50
N GLU A 229 -12.39 13.48 15.36
CA GLU A 229 -12.84 12.13 15.02
C GLU A 229 -14.21 12.19 14.38
N LEU A 230 -14.50 11.19 13.55
CA LEU A 230 -15.79 11.11 12.90
C LEU A 230 -16.03 9.69 12.44
N VAL A 231 -17.29 9.29 12.42
CA VAL A 231 -17.63 7.95 11.98
C VAL A 231 -18.09 8.01 10.54
N GLU A 232 -18.01 6.87 9.87
CA GLU A 232 -18.46 6.77 8.50
C GLU A 232 -19.97 6.96 8.57
N THR A 233 -20.54 7.58 7.54
CA THR A 233 -21.98 7.80 7.47
C THR A 233 -22.64 6.43 7.48
N ARG A 234 -23.69 6.29 8.29
CA ARG A 234 -24.37 5.01 8.45
C ARG A 234 -25.89 5.12 8.33
N PRO A 235 -26.54 4.02 7.89
CA PRO A 235 -28.00 4.02 7.74
C PRO A 235 -28.73 3.88 9.07
N ALA A 236 -29.81 4.63 9.25
CA ALA A 236 -30.57 4.51 10.48
C ALA A 236 -31.46 3.29 10.37
N GLY A 237 -31.69 2.86 9.14
CA GLY A 237 -32.52 1.68 8.91
C GLY A 237 -33.94 2.01 8.45
N ASP A 238 -34.28 3.30 8.48
CA ASP A 238 -35.59 3.78 8.07
C ASP A 238 -35.53 4.59 6.77
N GLY A 239 -34.41 4.51 6.07
CA GLY A 239 -34.27 5.25 4.84
C GLY A 239 -33.36 6.46 4.95
N THR A 240 -33.18 6.98 6.17
CA THR A 240 -32.32 8.14 6.39
C THR A 240 -30.95 7.74 6.94
N PHE A 241 -30.04 8.70 7.02
CA PHE A 241 -28.70 8.44 7.50
C PHE A 241 -28.30 9.23 8.73
N GLN A 242 -27.18 8.84 9.33
CA GLN A 242 -26.64 9.47 10.52
C GLN A 242 -25.13 9.65 10.38
N LYS A 243 -24.60 10.58 11.15
CA LYS A 243 -23.16 10.82 11.16
C LYS A 243 -22.83 11.73 12.33
N TRP A 244 -21.60 11.65 12.81
CA TRP A 244 -21.17 12.57 13.85
C TRP A 244 -19.69 12.86 13.76
N ALA A 245 -19.29 13.98 14.34
CA ALA A 245 -17.90 14.39 14.37
C ALA A 245 -17.69 14.98 15.75
N SER A 246 -16.55 14.67 16.35
CA SER A 246 -16.26 15.18 17.69
C SER A 246 -14.86 15.75 17.76
N VAL A 247 -14.61 16.54 18.79
CA VAL A 247 -13.31 17.15 19.03
C VAL A 247 -13.10 17.19 20.55
N VAL A 248 -11.85 17.10 20.98
CA VAL A 248 -11.56 17.15 22.40
C VAL A 248 -11.09 18.58 22.64
N VAL A 249 -11.70 19.25 23.63
CA VAL A 249 -11.33 20.63 23.94
C VAL A 249 -11.08 20.81 25.42
N PRO A 250 -10.46 21.94 25.81
CA PRO A 250 -10.17 22.20 27.22
C PRO A 250 -11.45 22.49 28.01
N LEU A 251 -11.54 21.95 29.22
CA LEU A 251 -12.70 22.17 30.08
C LEU A 251 -12.83 23.68 30.28
N GLY A 252 -14.02 24.23 30.03
CA GLY A 252 -14.22 25.66 30.19
C GLY A 252 -14.08 26.44 28.88
N LYS A 253 -13.73 25.78 27.79
CA LYS A 253 -13.57 26.45 26.50
C LYS A 253 -14.58 26.00 25.46
N GLU A 254 -15.64 25.33 25.90
CA GLU A 254 -16.65 24.83 24.98
C GLU A 254 -17.29 25.89 24.09
N GLN A 255 -17.42 27.12 24.59
CA GLN A 255 -18.03 28.18 23.77
C GLN A 255 -17.15 28.73 22.65
N TYR A 256 -15.89 28.29 22.58
CA TYR A 256 -15.00 28.76 21.53
C TYR A 256 -15.13 27.90 20.27
N TYR A 257 -15.89 26.81 20.36
CA TYR A 257 -16.05 25.90 19.22
C TYR A 257 -17.45 25.90 18.63
N THR A 258 -17.53 25.76 17.32
CA THR A 258 -18.82 25.71 16.65
C THR A 258 -18.82 24.58 15.62
N CYS A 259 -19.94 23.87 15.52
CA CYS A 259 -20.08 22.76 14.56
C CYS A 259 -20.80 23.28 13.32
N HIS A 260 -20.42 22.76 12.17
CA HIS A 260 -21.05 23.19 10.92
C HIS A 260 -21.52 21.96 10.14
N VAL A 261 -22.78 21.97 9.73
CA VAL A 261 -23.37 20.86 8.99
C VAL A 261 -23.73 21.29 7.57
N TYR A 262 -23.16 20.61 6.57
CA TYR A 262 -23.44 20.94 5.17
C TYR A 262 -24.17 19.77 4.50
N HIS A 263 -25.36 20.05 3.98
CA HIS A 263 -26.16 19.02 3.33
C HIS A 263 -27.02 19.67 2.25
N GLN A 264 -27.15 18.99 1.12
CA GLN A 264 -27.93 19.55 0.01
C GLN A 264 -29.39 19.82 0.33
N GLY A 265 -29.88 19.32 1.46
CA GLY A 265 -31.26 19.56 1.80
C GLY A 265 -31.51 20.85 2.55
N LEU A 266 -30.44 21.44 3.10
CA LEU A 266 -30.54 22.67 3.88
C LEU A 266 -30.55 23.96 3.04
N PRO A 267 -31.31 24.99 3.50
CA PRO A 267 -31.39 26.26 2.78
C PRO A 267 -30.02 26.94 2.91
N GLU A 268 -29.35 26.65 4.02
CA GLU A 268 -28.01 27.14 4.31
C GLU A 268 -27.41 26.25 5.40
N PRO A 269 -26.08 26.14 5.43
CA PRO A 269 -25.37 25.31 6.42
C PRO A 269 -25.83 25.54 7.85
N LEU A 270 -25.81 24.49 8.66
CA LEU A 270 -26.20 24.61 10.06
C LEU A 270 -24.99 24.95 10.90
N THR A 271 -25.16 25.85 11.86
CA THR A 271 -24.09 26.25 12.77
C THR A 271 -24.60 25.98 14.19
N LEU A 272 -23.87 25.19 14.97
CA LEU A 272 -24.28 24.89 16.34
C LEU A 272 -23.13 24.96 17.32
N ARG A 273 -23.49 25.03 18.60
CA ARG A 273 -22.53 25.08 19.69
C ARG A 273 -23.08 24.25 20.84
N TRP A 274 -22.21 23.91 21.78
CA TRP A 274 -22.63 23.18 22.97
C TRP A 274 -23.59 24.10 23.70
N GLU A 275 -24.75 23.56 24.10
CA GLU A 275 -25.76 24.35 24.80
C GLU A 275 -26.07 23.77 26.18
N PRO A 276 -25.41 24.28 27.22
CA PRO A 276 -25.71 23.75 28.55
C PRO A 276 -27.14 24.13 28.94
N PRO A 277 -27.99 23.12 29.21
CA PRO A 277 -29.39 23.40 29.59
C PRO A 277 -29.53 24.51 30.64
N PRO A 278 -30.13 25.64 30.24
CA PRO A 278 -30.30 26.76 31.17
C PRO A 278 -31.14 26.37 32.38
N MET B 1 -7.33 -16.06 -3.93
CA MET B 1 -8.16 -15.44 -2.84
C MET B 1 -7.52 -14.18 -2.27
N ILE B 2 -8.37 -13.33 -1.69
CA ILE B 2 -7.97 -12.09 -1.04
C ILE B 2 -9.07 -11.80 -0.05
N GLN B 3 -8.73 -11.24 1.11
CA GLN B 3 -9.75 -10.99 2.10
C GLN B 3 -9.70 -9.61 2.74
N LYS B 4 -10.87 -9.05 3.00
CA LYS B 4 -10.98 -7.74 3.63
C LYS B 4 -11.70 -7.90 4.96
N THR B 5 -11.10 -7.33 6.00
CA THR B 5 -11.64 -7.38 7.36
C THR B 5 -12.81 -6.43 7.54
N PRO B 6 -13.94 -6.95 8.05
CA PRO B 6 -15.12 -6.10 8.24
C PRO B 6 -14.96 -4.95 9.24
N GLN B 7 -15.57 -3.82 8.93
CA GLN B 7 -15.56 -2.69 9.83
C GLN B 7 -16.96 -2.75 10.44
N ILE B 8 -17.07 -2.45 11.72
CA ILE B 8 -18.36 -2.56 12.39
C ILE B 8 -18.78 -1.35 13.19
N GLN B 9 -20.06 -1.00 13.08
CA GLN B 9 -20.60 0.10 13.87
C GLN B 9 -21.88 -0.42 14.54
N VAL B 10 -22.02 -0.16 15.84
CA VAL B 10 -23.19 -0.57 16.60
C VAL B 10 -23.82 0.69 17.15
N TYR B 11 -25.10 0.89 16.88
CA TYR B 11 -25.75 2.13 17.30
C TYR B 11 -27.27 2.01 17.19
N SER B 12 -27.99 2.94 17.83
CA SER B 12 -29.45 2.95 17.79
C SER B 12 -30.01 3.83 16.67
N ARG B 13 -31.24 3.53 16.25
CA ARG B 13 -31.89 4.29 15.19
C ARG B 13 -32.33 5.64 15.71
N HIS B 14 -32.74 5.68 16.97
CA HIS B 14 -33.20 6.91 17.60
C HIS B 14 -32.36 7.21 18.82
N PRO B 15 -32.31 8.50 19.23
CA PRO B 15 -31.51 8.85 20.41
C PRO B 15 -31.94 7.91 21.53
N PRO B 16 -30.97 7.21 22.14
CA PRO B 16 -31.29 6.29 23.22
C PRO B 16 -31.84 6.96 24.47
N GLU B 17 -32.93 6.41 24.99
CA GLU B 17 -33.54 6.94 26.20
C GLU B 17 -33.97 5.73 27.00
N ASN B 18 -33.49 5.62 28.23
CA ASN B 18 -33.84 4.48 29.07
C ASN B 18 -35.34 4.23 29.12
N GLY B 19 -35.75 2.98 28.94
CA GLY B 19 -37.15 2.63 29.00
C GLY B 19 -37.98 2.76 27.74
N LYS B 20 -37.52 3.54 26.76
CA LYS B 20 -38.29 3.71 25.53
C LYS B 20 -37.83 2.80 24.40
N PRO B 21 -38.76 1.99 23.85
CA PRO B 21 -38.43 1.07 22.75
C PRO B 21 -37.65 1.78 21.66
N ASN B 22 -36.68 1.08 21.09
CA ASN B 22 -35.82 1.64 20.06
C ASN B 22 -35.43 0.50 19.11
N ILE B 23 -34.44 0.77 18.27
CA ILE B 23 -33.95 -0.25 17.35
C ILE B 23 -32.44 -0.17 17.37
N LEU B 24 -31.80 -1.31 17.61
CA LEU B 24 -30.34 -1.36 17.65
C LEU B 24 -29.83 -1.87 16.32
N ASN B 25 -28.81 -1.20 15.79
CA ASN B 25 -28.21 -1.58 14.52
C ASN B 25 -26.77 -2.05 14.61
N CYS B 26 -26.41 -2.93 13.70
CA CYS B 26 -25.05 -3.43 13.56
C CYS B 26 -24.78 -3.31 12.08
N TYR B 27 -24.06 -2.25 11.71
CA TYR B 27 -23.72 -1.98 10.32
C TYR B 27 -22.34 -2.59 10.05
N VAL B 28 -22.29 -3.54 9.11
CA VAL B 28 -21.05 -4.24 8.78
C VAL B 28 -20.67 -3.94 7.35
N THR B 29 -19.47 -3.39 7.15
CA THR B 29 -19.02 -3.02 5.81
C THR B 29 -17.59 -3.46 5.53
N GLN B 30 -17.16 -3.22 4.31
CA GLN B 30 -15.81 -3.49 3.86
C GLN B 30 -15.30 -4.93 3.97
N PHE B 31 -16.16 -5.92 3.81
CA PHE B 31 -15.69 -7.29 3.92
C PHE B 31 -15.78 -8.08 2.62
N HIS B 32 -14.93 -9.10 2.52
CA HIS B 32 -14.87 -9.97 1.34
C HIS B 32 -14.05 -11.17 1.80
N PRO B 33 -14.51 -12.40 1.53
CA PRO B 33 -15.71 -12.88 0.84
C PRO B 33 -17.03 -12.47 1.49
N PRO B 34 -18.15 -12.61 0.75
CA PRO B 34 -19.50 -12.25 1.21
C PRO B 34 -20.09 -13.08 2.37
N HIS B 35 -19.63 -14.32 2.52
CA HIS B 35 -20.15 -15.14 3.61
C HIS B 35 -19.74 -14.51 4.93
N ILE B 36 -20.71 -14.26 5.79
CA ILE B 36 -20.43 -13.65 7.08
C ILE B 36 -21.48 -14.07 8.10
N GLU B 37 -21.08 -14.17 9.36
CA GLU B 37 -22.02 -14.55 10.42
C GLU B 37 -22.13 -13.41 11.44
N ILE B 38 -23.34 -12.90 11.62
CA ILE B 38 -23.58 -11.79 12.53
C ILE B 38 -24.59 -12.14 13.63
N GLN B 39 -24.21 -11.88 14.88
CA GLN B 39 -25.10 -12.12 16.02
C GLN B 39 -25.09 -10.88 16.87
N MET B 40 -26.23 -10.58 17.48
CA MET B 40 -26.34 -9.45 18.37
C MET B 40 -26.49 -10.06 19.75
N LEU B 41 -25.85 -9.46 20.75
CA LEU B 41 -25.87 -9.98 22.11
C LEU B 41 -26.38 -9.01 23.17
N LYS B 42 -27.09 -9.56 24.16
CA LYS B 42 -27.60 -8.76 25.25
C LYS B 42 -27.01 -9.37 26.52
N ASN B 43 -26.16 -8.60 27.20
CA ASN B 43 -25.49 -9.05 28.40
C ASN B 43 -24.75 -10.36 28.17
N GLY B 44 -24.17 -10.49 26.97
CA GLY B 44 -23.41 -11.68 26.63
C GLY B 44 -24.20 -12.82 26.00
N LYS B 45 -25.53 -12.73 26.01
CA LYS B 45 -26.33 -13.80 25.43
C LYS B 45 -26.96 -13.42 24.09
N LYS B 46 -26.82 -14.33 23.12
CA LYS B 46 -27.35 -14.11 21.79
C LYS B 46 -28.83 -13.72 21.79
N ILE B 47 -29.16 -12.71 20.98
CA ILE B 47 -30.54 -12.24 20.85
C ILE B 47 -31.17 -13.02 19.69
N PRO B 48 -32.26 -13.76 19.94
CA PRO B 48 -32.95 -14.56 18.94
C PRO B 48 -33.46 -13.83 17.68
N LYS B 49 -34.33 -12.85 17.88
CA LYS B 49 -34.89 -12.11 16.74
C LYS B 49 -34.02 -10.98 16.21
N VAL B 50 -33.17 -11.31 15.23
CA VAL B 50 -32.30 -10.33 14.60
C VAL B 50 -32.53 -10.35 13.09
N GLU B 51 -32.96 -9.22 12.54
CA GLU B 51 -33.22 -9.14 11.11
C GLU B 51 -31.97 -8.71 10.35
N MET B 52 -31.91 -9.13 9.09
CA MET B 52 -30.79 -8.83 8.20
C MET B 52 -31.29 -8.18 6.93
N SER B 53 -30.64 -7.10 6.50
CA SER B 53 -31.02 -6.47 5.25
C SER B 53 -30.42 -7.32 4.14
N ASP B 54 -30.79 -7.04 2.90
CA ASP B 54 -30.21 -7.76 1.78
C ASP B 54 -28.74 -7.30 1.74
N MET B 55 -27.86 -8.11 1.18
CA MET B 55 -26.46 -7.75 1.10
C MET B 55 -26.20 -7.03 -0.21
N SER B 56 -25.30 -6.07 -0.18
CA SER B 56 -24.95 -5.33 -1.39
C SER B 56 -23.44 -5.17 -1.38
N PHE B 57 -22.88 -4.66 -2.48
CA PHE B 57 -21.45 -4.41 -2.50
C PHE B 57 -21.18 -3.05 -3.13
N SER B 58 -20.08 -2.44 -2.73
CA SER B 58 -19.73 -1.12 -3.23
C SER B 58 -18.67 -1.10 -4.34
N LYS B 59 -18.39 0.08 -4.86
CA LYS B 59 -17.45 0.26 -5.95
C LYS B 59 -16.10 -0.41 -5.77
N ASP B 60 -15.64 -0.56 -4.53
CA ASP B 60 -14.36 -1.21 -4.30
C ASP B 60 -14.49 -2.72 -4.20
N TRP B 61 -15.70 -3.21 -4.50
CA TRP B 61 -16.02 -4.64 -4.49
C TRP B 61 -16.36 -5.24 -3.12
N SER B 62 -16.10 -4.51 -2.04
CA SER B 62 -16.40 -5.05 -0.72
C SER B 62 -17.90 -5.03 -0.42
N PHE B 63 -18.36 -5.99 0.37
CA PHE B 63 -19.76 -6.11 0.73
C PHE B 63 -20.16 -5.36 1.99
N TYR B 64 -21.46 -5.10 2.13
CA TYR B 64 -21.98 -4.43 3.29
C TYR B 64 -23.41 -4.90 3.58
N ILE B 65 -23.81 -4.83 4.84
CA ILE B 65 -25.12 -5.30 5.24
C ILE B 65 -25.48 -4.71 6.60
N LEU B 66 -26.77 -4.65 6.89
CA LEU B 66 -27.24 -4.10 8.14
C LEU B 66 -28.08 -5.12 8.89
N ALA B 67 -27.72 -5.35 10.15
CA ALA B 67 -28.46 -6.25 11.01
C ALA B 67 -29.09 -5.36 12.06
N HIS B 68 -30.33 -5.67 12.44
CA HIS B 68 -30.98 -4.85 13.45
C HIS B 68 -31.98 -5.66 14.28
N THR B 69 -32.25 -5.16 15.47
CA THR B 69 -33.18 -5.82 16.38
C THR B 69 -33.90 -4.77 17.22
N GLU B 70 -35.08 -5.11 17.71
CA GLU B 70 -35.83 -4.19 18.55
C GLU B 70 -35.20 -4.31 19.92
N PHE B 71 -35.24 -3.24 20.70
CA PHE B 71 -34.67 -3.28 22.03
C PHE B 71 -35.08 -2.05 22.83
N THR B 72 -35.08 -2.22 24.15
CA THR B 72 -35.44 -1.14 25.06
C THR B 72 -34.28 -0.99 26.02
N PRO B 73 -33.40 -0.01 25.75
CA PRO B 73 -32.22 0.28 26.57
C PRO B 73 -32.51 0.66 28.02
N THR B 74 -31.58 0.32 28.89
CA THR B 74 -31.67 0.65 30.32
C THR B 74 -30.26 1.13 30.65
N GLU B 75 -30.09 1.72 31.83
CA GLU B 75 -28.78 2.24 32.19
C GLU B 75 -27.71 1.14 32.37
N THR B 76 -28.13 -0.06 32.75
CA THR B 76 -27.16 -1.13 32.98
C THR B 76 -27.04 -2.28 31.99
N ASP B 77 -27.99 -2.42 31.05
CA ASP B 77 -27.88 -3.52 30.09
C ASP B 77 -26.79 -3.28 29.04
N THR B 78 -26.02 -4.32 28.74
CA THR B 78 -24.94 -4.23 27.77
C THR B 78 -25.30 -4.91 26.45
N TYR B 79 -25.02 -4.23 25.34
CA TYR B 79 -25.29 -4.79 24.02
C TYR B 79 -24.04 -4.82 23.17
N ALA B 80 -23.97 -5.81 22.28
CA ALA B 80 -22.82 -5.96 21.41
C ALA B 80 -23.20 -6.67 20.13
N CYS B 81 -22.35 -6.54 19.14
CA CYS B 81 -22.53 -7.20 17.87
C CYS B 81 -21.30 -8.06 17.67
N ARG B 82 -21.52 -9.35 17.38
CA ARG B 82 -20.41 -10.27 17.17
C ARG B 82 -20.40 -10.75 15.73
N VAL B 83 -19.25 -10.60 15.09
CA VAL B 83 -19.11 -10.97 13.71
C VAL B 83 -18.04 -12.03 13.48
N LYS B 84 -18.39 -13.04 12.72
CA LYS B 84 -17.46 -14.12 12.37
C LYS B 84 -17.24 -14.01 10.87
N HIS B 85 -15.98 -13.90 10.46
CA HIS B 85 -15.65 -13.76 9.04
C HIS B 85 -14.26 -14.34 8.77
N ASP B 86 -14.11 -15.02 7.64
CA ASP B 86 -12.85 -15.66 7.27
C ASP B 86 -11.58 -14.81 7.30
N SER B 87 -11.74 -13.49 7.26
CA SER B 87 -10.60 -12.57 7.30
C SER B 87 -9.97 -12.47 8.69
N MET B 88 -10.74 -12.88 9.70
CA MET B 88 -10.27 -12.80 11.08
C MET B 88 -10.14 -14.18 11.68
N ALA B 89 -9.12 -14.36 12.53
CA ALA B 89 -8.89 -15.65 13.19
C ALA B 89 -10.06 -15.98 14.10
N GLU B 90 -10.42 -15.03 14.96
CA GLU B 90 -11.52 -15.20 15.90
C GLU B 90 -12.63 -14.18 15.64
N PRO B 91 -13.84 -14.44 16.16
CA PRO B 91 -14.97 -13.54 15.97
C PRO B 91 -14.71 -12.18 16.64
N LYS B 92 -15.20 -11.12 16.03
CA LYS B 92 -15.02 -9.77 16.55
C LYS B 92 -16.29 -9.26 17.26
N THR B 93 -16.14 -8.83 18.50
CA THR B 93 -17.27 -8.32 19.28
C THR B 93 -17.12 -6.82 19.52
N VAL B 94 -18.11 -6.05 19.05
CA VAL B 94 -18.11 -4.60 19.22
C VAL B 94 -19.28 -4.24 20.13
N TYR B 95 -18.99 -3.53 21.20
CA TYR B 95 -20.01 -3.13 22.16
C TYR B 95 -20.69 -1.83 21.83
N TRP B 96 -21.98 -1.75 22.15
CA TRP B 96 -22.76 -0.54 21.93
C TRP B 96 -22.37 0.51 22.95
N ASP B 97 -22.01 1.69 22.45
CA ASP B 97 -21.65 2.81 23.30
C ASP B 97 -22.73 3.86 23.05
N ARG B 98 -23.52 4.15 24.07
CA ARG B 98 -24.61 5.13 24.00
C ARG B 98 -24.21 6.48 23.40
N ASP B 99 -22.96 6.85 23.57
CA ASP B 99 -22.51 8.16 23.08
C ASP B 99 -21.85 8.14 21.73
N MET B 100 -22.06 7.08 20.93
CA MET B 100 -21.42 7.03 19.64
C MET B 100 -22.28 6.47 18.50
N SER C 1 -32.43 -1.33 -18.34
CA SER C 1 -32.34 -2.80 -18.58
C SER C 1 -30.90 -3.25 -18.63
N SER C 2 -30.64 -4.45 -18.17
CA SER C 2 -29.29 -4.96 -18.14
C SER C 2 -28.86 -5.56 -19.47
N ILE C 3 -27.56 -5.81 -19.61
CA ILE C 3 -27.05 -6.37 -20.84
C ILE C 3 -26.73 -7.83 -20.56
N GLU C 4 -26.72 -8.62 -21.62
CA GLU C 4 -26.42 -10.04 -21.51
C GLU C 4 -24.89 -10.11 -21.51
N PHE C 5 -24.32 -10.67 -20.45
CA PHE C 5 -22.86 -10.75 -20.33
C PHE C 5 -22.22 -11.82 -21.20
N ALA C 6 -21.02 -11.52 -21.69
CA ALA C 6 -20.26 -12.45 -22.50
C ALA C 6 -19.51 -13.34 -21.53
N ARG C 7 -18.97 -14.45 -22.00
CA ARG C 7 -18.24 -15.35 -21.11
C ARG C 7 -16.74 -15.12 -21.03
N LEU C 8 -16.17 -15.35 -19.85
CA LEU C 8 -14.74 -15.16 -19.61
C LEU C 8 -13.92 -16.25 -20.29
N GLY D 1 17.31 18.17 -13.17
CA GLY D 1 18.40 17.31 -12.64
C GLY D 1 18.53 16.01 -13.39
N PRO D 2 19.64 15.28 -13.23
CA PRO D 2 19.85 14.00 -13.91
C PRO D 2 19.11 12.85 -13.22
N HIS D 3 18.85 11.78 -13.96
CA HIS D 3 18.15 10.62 -13.43
C HIS D 3 18.81 9.34 -13.92
N SER D 4 18.47 8.21 -13.30
CA SER D 4 19.06 6.95 -13.70
C SER D 4 18.20 5.71 -13.47
N LEU D 5 18.41 4.72 -14.33
CA LEU D 5 17.71 3.44 -14.26
C LEU D 5 18.84 2.40 -14.30
N ARG D 6 19.03 1.69 -13.19
CA ARG D 6 20.10 0.69 -13.10
C ARG D 6 19.61 -0.61 -12.47
N TYR D 7 20.19 -1.70 -12.96
CA TYR D 7 19.87 -3.01 -12.43
C TYR D 7 21.12 -3.59 -11.79
N PHE D 8 20.97 -4.01 -10.53
CA PHE D 8 22.05 -4.60 -9.75
C PHE D 8 21.66 -6.08 -9.69
N VAL D 9 22.49 -6.92 -10.30
CA VAL D 9 22.21 -8.35 -10.38
C VAL D 9 23.32 -9.18 -9.73
N THR D 10 22.91 -10.23 -9.03
CA THR D 10 23.85 -11.09 -8.33
C THR D 10 23.48 -12.57 -8.42
N ALA D 11 24.50 -13.41 -8.62
CA ALA D 11 24.33 -14.85 -8.62
C ALA D 11 25.44 -15.40 -7.72
N VAL D 12 25.06 -16.25 -6.78
CA VAL D 12 25.99 -16.85 -5.84
C VAL D 12 25.87 -18.38 -5.88
N SER D 13 26.96 -19.07 -6.20
CA SER D 13 26.92 -20.52 -6.25
C SER D 13 26.85 -21.12 -4.85
N ARG D 14 26.24 -22.29 -4.75
CA ARG D 14 26.09 -22.96 -3.48
C ARG D 14 26.30 -24.46 -3.71
N PRO D 15 27.52 -24.84 -4.12
CA PRO D 15 27.85 -26.25 -4.38
C PRO D 15 27.24 -27.19 -3.34
N GLY D 16 26.61 -28.26 -3.81
CA GLY D 16 25.99 -29.23 -2.92
C GLY D 16 25.08 -28.57 -1.91
N LEU D 17 24.26 -27.64 -2.38
CA LEU D 17 23.33 -26.93 -1.51
C LEU D 17 22.16 -26.42 -2.35
N GLY D 18 22.21 -26.71 -3.64
CA GLY D 18 21.15 -26.27 -4.53
C GLY D 18 21.66 -25.40 -5.66
N GLU D 19 20.74 -24.87 -6.46
CA GLU D 19 21.09 -24.00 -7.58
C GLU D 19 21.58 -22.65 -7.05
N PRO D 20 22.30 -21.90 -7.87
CA PRO D 20 22.78 -20.60 -7.40
C PRO D 20 21.62 -19.69 -7.00
N ARG D 21 21.85 -18.85 -5.99
CA ARG D 21 20.84 -17.89 -5.57
C ARG D 21 21.01 -16.75 -6.60
N PHE D 22 19.92 -16.33 -7.23
CA PHE D 22 19.97 -15.27 -8.23
C PHE D 22 19.00 -14.16 -7.85
N ILE D 23 19.50 -12.93 -7.82
CA ILE D 23 18.67 -11.78 -7.45
C ILE D 23 18.92 -10.60 -8.39
N SER D 24 17.84 -10.01 -8.88
CA SER D 24 17.91 -8.87 -9.79
C SER D 24 17.08 -7.73 -9.19
N VAL D 25 17.73 -6.60 -8.93
CA VAL D 25 17.06 -5.45 -8.35
C VAL D 25 17.16 -4.24 -9.28
N GLY D 26 16.02 -3.59 -9.49
CA GLY D 26 16.00 -2.42 -10.36
C GLY D 26 15.83 -1.17 -9.55
N TYR D 27 16.58 -0.13 -9.94
CA TYR D 27 16.54 1.15 -9.26
C TYR D 27 16.31 2.32 -10.21
N VAL D 28 15.47 3.26 -9.76
CA VAL D 28 15.21 4.49 -10.48
C VAL D 28 15.77 5.53 -9.52
N ASP D 29 16.87 6.17 -9.91
CA ASP D 29 17.50 7.19 -9.06
C ASP D 29 17.83 6.75 -7.66
N ASN D 30 18.43 5.57 -7.51
CA ASN D 30 18.79 5.05 -6.20
C ASN D 30 17.62 4.56 -5.35
N THR D 31 16.44 4.46 -5.96
CA THR D 31 15.26 3.96 -5.27
C THR D 31 14.88 2.61 -5.89
N GLU D 32 14.82 1.56 -5.07
CA GLU D 32 14.48 0.23 -5.57
C GLU D 32 13.00 0.23 -6.02
N PHE D 33 12.71 -0.24 -7.23
CA PHE D 33 11.33 -0.28 -7.71
C PHE D 33 10.83 -1.65 -8.18
N VAL D 34 11.75 -2.57 -8.44
CA VAL D 34 11.39 -3.93 -8.86
C VAL D 34 12.45 -4.91 -8.33
N ARG D 35 12.04 -6.14 -8.03
CA ARG D 35 12.98 -7.12 -7.52
C ARG D 35 12.58 -8.54 -7.89
N PHE D 36 13.56 -9.30 -8.35
CA PHE D 36 13.37 -10.72 -8.71
C PHE D 36 14.33 -11.51 -7.80
N ASP D 37 13.82 -12.54 -7.14
CA ASP D 37 14.64 -13.36 -6.25
C ASP D 37 14.37 -14.83 -6.55
N SER D 38 15.42 -15.54 -7.00
CA SER D 38 15.27 -16.95 -7.36
C SER D 38 14.78 -17.87 -6.24
N ASP D 39 14.90 -17.44 -4.99
CA ASP D 39 14.46 -18.27 -3.88
C ASP D 39 12.95 -18.24 -3.64
N ALA D 40 12.19 -18.83 -4.56
CA ALA D 40 10.75 -18.87 -4.45
C ALA D 40 10.19 -19.99 -5.32
N GLU D 41 9.03 -20.52 -4.93
CA GLU D 41 8.40 -21.60 -5.68
C GLU D 41 8.23 -21.19 -7.14
N ASN D 42 7.85 -19.94 -7.36
CA ASN D 42 7.67 -19.43 -8.70
C ASN D 42 8.22 -18.00 -8.76
N PRO D 43 9.54 -17.86 -8.88
CA PRO D 43 10.16 -16.53 -8.94
C PRO D 43 9.60 -15.65 -10.05
N ARG D 44 9.37 -14.38 -9.70
CA ARG D 44 8.83 -13.40 -10.64
C ARG D 44 9.26 -12.01 -10.18
N TYR D 45 9.27 -11.07 -11.11
CA TYR D 45 9.62 -9.71 -10.74
C TYR D 45 8.42 -9.20 -9.94
N GLU D 46 8.71 -8.46 -8.87
CA GLU D 46 7.65 -7.92 -8.04
C GLU D 46 7.84 -6.42 -7.91
N PRO D 47 6.72 -5.66 -7.85
CA PRO D 47 6.91 -4.21 -7.71
C PRO D 47 7.41 -3.95 -6.29
N ARG D 48 8.23 -2.91 -6.13
CA ARG D 48 8.78 -2.59 -4.81
C ARG D 48 8.41 -1.15 -4.47
N ALA D 49 7.64 -0.54 -5.36
CA ALA D 49 7.15 0.83 -5.21
C ALA D 49 5.69 0.78 -5.63
N ARG D 50 4.82 1.47 -4.90
CA ARG D 50 3.40 1.48 -5.21
C ARG D 50 3.11 1.91 -6.63
N TRP D 51 3.85 2.90 -7.14
CA TRP D 51 3.62 3.38 -8.49
C TRP D 51 3.88 2.38 -9.62
N MET D 52 4.46 1.22 -9.30
CA MET D 52 4.71 0.20 -10.32
C MET D 52 3.55 -0.75 -10.48
N GLU D 53 2.59 -0.66 -9.58
CA GLU D 53 1.44 -1.55 -9.66
C GLU D 53 0.60 -1.30 -10.91
N GLN D 54 0.81 -0.15 -11.55
CA GLN D 54 0.09 0.22 -12.76
C GLN D 54 0.47 -0.62 -13.98
N GLU D 55 1.71 -1.09 -14.02
CA GLU D 55 2.15 -1.88 -15.16
C GLU D 55 1.28 -3.11 -15.29
N GLY D 56 0.85 -3.41 -16.51
CA GLY D 56 -0.01 -4.56 -16.76
C GLY D 56 0.70 -5.91 -16.77
N PRO D 57 -0.07 -7.01 -16.74
CA PRO D 57 0.47 -8.37 -16.75
C PRO D 57 1.49 -8.67 -17.84
N GLU D 58 1.34 -8.02 -19.00
CA GLU D 58 2.28 -8.25 -20.10
C GLU D 58 3.68 -7.81 -19.71
N TYR D 59 3.79 -6.69 -19.01
CA TYR D 59 5.08 -6.16 -18.57
C TYR D 59 5.76 -7.12 -17.58
N TRP D 60 5.04 -7.52 -16.54
CA TRP D 60 5.60 -8.42 -15.54
C TRP D 60 6.06 -9.76 -16.13
N GLU D 61 5.30 -10.28 -17.09
CA GLU D 61 5.66 -11.56 -17.72
C GLU D 61 6.95 -11.43 -18.52
N ARG D 62 7.02 -10.38 -19.34
CA ARG D 62 8.19 -10.13 -20.16
C ARG D 62 9.46 -9.93 -19.32
N GLU D 63 9.37 -9.11 -18.28
CA GLU D 63 10.52 -8.86 -17.42
C GLU D 63 10.94 -10.14 -16.66
N THR D 64 9.96 -10.92 -16.21
CA THR D 64 10.23 -12.15 -15.47
C THR D 64 10.94 -13.19 -16.34
N GLN D 65 10.51 -13.35 -17.59
CA GLN D 65 11.17 -14.31 -18.45
C GLN D 65 12.59 -13.86 -18.78
N LYS D 66 12.78 -12.54 -18.80
CA LYS D 66 14.09 -11.96 -19.04
C LYS D 66 15.01 -12.28 -17.86
N ALA D 67 14.49 -12.13 -16.66
CA ALA D 67 15.27 -12.43 -15.45
C ALA D 67 15.62 -13.92 -15.39
N LYS D 68 14.68 -14.79 -15.74
CA LYS D 68 14.94 -16.22 -15.71
C LYS D 68 15.94 -16.57 -16.78
N GLY D 69 15.98 -15.77 -17.84
CA GLY D 69 16.94 -15.99 -18.92
C GLY D 69 18.33 -15.60 -18.42
N ASN D 70 18.39 -14.51 -17.65
CA ASN D 70 19.65 -14.05 -17.10
C ASN D 70 20.15 -14.99 -16.00
N GLU D 71 19.22 -15.56 -15.24
CA GLU D 71 19.60 -16.49 -14.18
C GLU D 71 20.36 -17.66 -14.81
N GLN D 72 19.85 -18.16 -15.94
CA GLN D 72 20.49 -19.27 -16.63
C GLN D 72 21.88 -18.86 -17.10
N SER D 73 21.96 -17.68 -17.71
CA SER D 73 23.24 -17.15 -18.20
C SER D 73 24.25 -17.04 -17.07
N PHE D 74 23.84 -16.57 -15.90
CA PHE D 74 24.75 -16.46 -14.76
C PHE D 74 25.14 -17.85 -14.27
N ARG D 75 24.19 -18.78 -14.29
CA ARG D 75 24.47 -20.15 -13.88
C ARG D 75 25.60 -20.69 -14.75
N VAL D 76 25.47 -20.49 -16.07
CA VAL D 76 26.48 -20.93 -17.02
C VAL D 76 27.79 -20.18 -16.83
N ASP D 77 27.68 -18.86 -16.60
CA ASP D 77 28.86 -18.02 -16.42
C ASP D 77 29.67 -18.45 -15.20
N LEU D 78 28.98 -18.85 -14.13
CA LEU D 78 29.67 -19.28 -12.93
C LEU D 78 30.54 -20.51 -13.22
N ARG D 79 30.04 -21.43 -14.04
CA ARG D 79 30.83 -22.62 -14.40
C ARG D 79 31.96 -22.21 -15.32
N THR D 80 31.65 -21.31 -16.25
CA THR D 80 32.63 -20.80 -17.19
C THR D 80 33.82 -20.19 -16.45
N LEU D 81 33.55 -19.40 -15.41
CA LEU D 81 34.62 -18.76 -14.66
C LEU D 81 35.42 -19.74 -13.79
N LEU D 82 34.79 -20.84 -13.36
CA LEU D 82 35.51 -21.83 -12.58
C LEU D 82 36.62 -22.38 -13.47
N GLY D 83 36.35 -22.40 -14.78
CA GLY D 83 37.33 -22.89 -15.74
C GLY D 83 38.39 -21.85 -16.09
N TYR D 84 37.98 -20.59 -16.29
CA TYR D 84 38.93 -19.53 -16.62
C TYR D 84 39.99 -19.36 -15.53
N TYR D 85 39.59 -19.59 -14.29
CA TYR D 85 40.48 -19.45 -13.14
C TYR D 85 40.97 -20.78 -12.56
N ASN D 86 40.60 -21.89 -13.19
CA ASN D 86 41.01 -23.21 -12.70
C ASN D 86 40.69 -23.37 -11.23
N GLN D 87 39.40 -23.25 -10.88
CA GLN D 87 38.96 -23.36 -9.50
C GLN D 87 38.14 -24.61 -9.23
N SER D 88 38.17 -25.05 -7.99
CA SER D 88 37.42 -26.22 -7.54
C SER D 88 35.93 -26.04 -7.75
N LYS D 89 35.20 -27.15 -7.81
CA LYS D 89 33.75 -27.07 -7.99
C LYS D 89 33.04 -27.15 -6.64
N GLY D 90 33.82 -27.10 -5.56
CA GLY D 90 33.23 -27.18 -4.23
C GLY D 90 33.13 -25.87 -3.47
N GLY D 91 33.61 -24.79 -4.06
CA GLY D 91 33.55 -23.50 -3.38
C GLY D 91 32.43 -22.60 -3.86
N SER D 92 32.05 -21.63 -3.02
CA SER D 92 31.01 -20.68 -3.36
C SER D 92 31.62 -19.46 -4.04
N HIS D 93 31.03 -19.03 -5.16
CA HIS D 93 31.53 -17.89 -5.90
C HIS D 93 30.40 -16.94 -6.26
N THR D 94 30.75 -15.66 -6.40
CA THR D 94 29.77 -14.63 -6.73
C THR D 94 30.05 -13.90 -8.03
N ILE D 95 28.98 -13.58 -8.75
CA ILE D 95 29.06 -12.82 -9.97
C ILE D 95 28.06 -11.68 -9.79
N GLN D 96 28.48 -10.47 -10.11
CA GLN D 96 27.63 -9.30 -9.98
C GLN D 96 27.70 -8.42 -11.20
N VAL D 97 26.59 -7.76 -11.51
CA VAL D 97 26.52 -6.86 -12.64
C VAL D 97 25.76 -5.59 -12.29
N ILE D 98 26.22 -4.47 -12.81
CA ILE D 98 25.55 -3.19 -12.64
C ILE D 98 25.32 -2.79 -14.09
N SER D 99 24.05 -2.70 -14.49
CA SER D 99 23.66 -2.37 -15.85
C SER D 99 22.65 -1.24 -15.85
N GLY D 100 22.86 -0.24 -16.71
CA GLY D 100 21.91 0.85 -16.75
C GLY D 100 22.38 2.15 -17.32
N CYS D 101 21.48 3.13 -17.29
CA CYS D 101 21.73 4.45 -17.84
C CYS D 101 21.54 5.58 -16.84
N GLU D 102 22.25 6.68 -17.09
CA GLU D 102 22.18 7.89 -16.28
C GLU D 102 21.92 8.96 -17.35
N VAL D 103 20.77 9.63 -17.28
CA VAL D 103 20.42 10.63 -18.28
C VAL D 103 20.37 12.04 -17.68
N GLY D 104 20.71 13.04 -18.49
CA GLY D 104 20.67 14.40 -18.00
C GLY D 104 19.26 14.96 -18.13
N SER D 105 19.05 16.20 -17.68
CA SER D 105 17.74 16.84 -17.75
C SER D 105 17.21 16.98 -19.17
N ASP D 106 18.11 17.00 -20.16
CA ASP D 106 17.68 17.14 -21.54
C ASP D 106 17.28 15.80 -22.16
N GLY D 107 17.37 14.73 -21.38
CA GLY D 107 17.00 13.42 -21.89
C GLY D 107 18.10 12.69 -22.64
N ARG D 108 19.30 13.27 -22.67
CA ARG D 108 20.42 12.63 -23.36
C ARG D 108 21.22 11.79 -22.39
N LEU D 109 21.72 10.67 -22.89
CA LEU D 109 22.53 9.78 -22.06
C LEU D 109 23.79 10.49 -21.58
N LEU D 110 24.03 10.47 -20.28
CA LEU D 110 25.21 11.07 -19.69
C LEU D 110 26.25 9.96 -19.53
N ARG D 111 25.76 8.77 -19.26
CA ARG D 111 26.64 7.62 -19.10
C ARG D 111 25.89 6.31 -19.01
N GLY D 112 26.36 5.32 -19.76
CA GLY D 112 25.76 4.01 -19.76
C GLY D 112 26.68 3.08 -18.99
N TYR D 113 26.10 2.09 -18.32
CA TYR D 113 26.90 1.16 -17.55
C TYR D 113 26.63 -0.29 -17.88
N GLN D 114 27.69 -1.09 -17.87
CA GLN D 114 27.60 -2.51 -18.11
C GLN D 114 28.90 -3.08 -17.56
N GLN D 115 28.95 -3.28 -16.25
CA GLN D 115 30.15 -3.78 -15.60
C GLN D 115 29.90 -5.01 -14.75
N TYR D 116 30.88 -5.91 -14.79
CA TYR D 116 30.83 -7.17 -14.05
C TYR D 116 31.90 -7.25 -12.99
N ALA D 117 31.66 -8.11 -12.01
CA ALA D 117 32.59 -8.36 -10.93
C ALA D 117 32.46 -9.83 -10.60
N TYR D 118 33.61 -10.46 -10.34
CA TYR D 118 33.63 -11.86 -9.97
C TYR D 118 34.27 -11.92 -8.59
N ASP D 119 33.55 -12.49 -7.64
CA ASP D 119 34.02 -12.60 -6.26
C ASP D 119 34.37 -11.23 -5.67
N GLY D 120 33.51 -10.24 -5.95
CA GLY D 120 33.72 -8.92 -5.40
C GLY D 120 34.83 -8.08 -6.03
N CYS D 121 35.36 -8.53 -7.16
CA CYS D 121 36.44 -7.79 -7.85
C CYS D 121 36.07 -7.50 -9.30
N ASP D 122 36.46 -6.32 -9.78
CA ASP D 122 36.16 -5.95 -11.16
C ASP D 122 36.60 -7.04 -12.13
N TYR D 123 35.77 -7.32 -13.12
CA TYR D 123 36.09 -8.33 -14.11
C TYR D 123 36.21 -7.64 -15.47
N ILE D 124 35.11 -7.05 -15.94
CA ILE D 124 35.12 -6.38 -17.21
C ILE D 124 34.03 -5.30 -17.20
N ALA D 125 34.26 -4.20 -17.91
CA ALA D 125 33.29 -3.12 -17.94
C ALA D 125 33.27 -2.43 -19.29
N LEU D 126 32.11 -1.90 -19.66
CA LEU D 126 31.97 -1.19 -20.92
C LEU D 126 32.50 0.22 -20.69
N ASN D 127 33.34 0.71 -21.60
CA ASN D 127 33.91 2.04 -21.47
C ASN D 127 32.89 3.13 -21.77
N GLU D 128 33.17 4.32 -21.29
CA GLU D 128 32.31 5.47 -21.49
C GLU D 128 31.92 5.69 -22.94
N ASP D 129 32.80 5.35 -23.86
CA ASP D 129 32.52 5.52 -25.28
C ASP D 129 31.47 4.53 -25.76
N LEU D 130 31.14 3.56 -24.91
CA LEU D 130 30.15 2.54 -25.23
C LEU D 130 30.55 1.80 -26.50
N LYS D 131 31.85 1.75 -26.75
CA LYS D 131 32.39 1.08 -27.93
C LYS D 131 33.44 0.02 -27.60
N THR D 132 34.22 0.25 -26.56
CA THR D 132 35.27 -0.69 -26.18
C THR D 132 35.16 -1.22 -24.75
N TRP D 133 35.90 -2.29 -24.45
CA TRP D 133 35.87 -2.90 -23.12
C TRP D 133 37.16 -2.83 -22.33
N THR D 134 37.03 -2.79 -21.01
CA THR D 134 38.16 -2.75 -20.11
C THR D 134 38.17 -4.05 -19.30
N ALA D 135 39.11 -4.93 -19.64
CA ALA D 135 39.25 -6.20 -18.93
C ALA D 135 40.16 -5.97 -17.73
N ALA D 136 39.78 -6.51 -16.58
CA ALA D 136 40.56 -6.32 -15.36
C ALA D 136 41.69 -7.35 -15.18
N ASP D 137 41.62 -8.47 -15.90
CA ASP D 137 42.66 -9.51 -15.79
C ASP D 137 42.65 -10.45 -16.98
N MET D 138 43.51 -11.48 -16.94
CA MET D 138 43.60 -12.44 -18.04
C MET D 138 42.29 -13.12 -18.42
N ALA D 139 41.56 -13.60 -17.41
CA ALA D 139 40.28 -14.27 -17.65
C ALA D 139 39.35 -13.34 -18.43
N ALA D 140 39.26 -12.09 -17.99
CA ALA D 140 38.40 -11.09 -18.64
C ALA D 140 38.77 -10.83 -20.10
N LEU D 141 40.03 -11.02 -20.46
CA LEU D 141 40.44 -10.81 -21.84
C LEU D 141 39.72 -11.81 -22.72
N ILE D 142 39.47 -13.00 -22.18
CA ILE D 142 38.77 -14.04 -22.92
C ILE D 142 37.39 -13.51 -23.32
N THR D 143 36.65 -13.02 -22.33
CA THR D 143 35.31 -12.47 -22.56
C THR D 143 35.37 -11.28 -23.49
N LYS D 144 36.36 -10.42 -23.29
CA LYS D 144 36.51 -9.23 -24.12
C LYS D 144 36.67 -9.58 -25.59
N HIS D 145 37.49 -10.58 -25.90
CA HIS D 145 37.68 -10.97 -27.29
C HIS D 145 36.37 -11.50 -27.85
N LYS D 146 35.72 -12.40 -27.11
CA LYS D 146 34.44 -12.94 -27.55
C LYS D 146 33.44 -11.81 -27.84
N TRP D 147 33.30 -10.87 -26.93
CA TRP D 147 32.34 -9.79 -27.14
C TRP D 147 32.71 -8.81 -28.25
N GLU D 148 34.00 -8.65 -28.51
CA GLU D 148 34.45 -7.75 -29.57
C GLU D 148 34.02 -8.37 -30.91
N GLN D 149 34.24 -9.67 -31.04
CA GLN D 149 33.87 -10.38 -32.26
C GLN D 149 32.37 -10.38 -32.50
N ALA D 150 31.62 -10.54 -31.42
CA ALA D 150 30.16 -10.58 -31.50
C ALA D 150 29.50 -9.20 -31.57
N GLY D 151 30.29 -8.14 -31.41
CA GLY D 151 29.72 -6.80 -31.47
C GLY D 151 28.77 -6.52 -30.31
N GLU D 152 29.10 -7.06 -29.14
CA GLU D 152 28.29 -6.88 -27.94
C GLU D 152 28.14 -5.41 -27.55
N ALA D 153 29.19 -4.63 -27.73
CA ALA D 153 29.17 -3.21 -27.38
C ALA D 153 28.07 -2.46 -28.11
N GLU D 154 27.82 -2.82 -29.37
CA GLU D 154 26.79 -2.17 -30.18
C GLU D 154 25.39 -2.56 -29.70
N ARG D 155 25.23 -3.82 -29.29
CA ARG D 155 23.95 -4.30 -28.80
C ARG D 155 23.60 -3.54 -27.52
N LEU D 156 24.57 -3.42 -26.63
CA LEU D 156 24.38 -2.72 -25.35
C LEU D 156 24.13 -1.25 -25.59
N ARG D 157 24.94 -0.64 -26.44
CA ARG D 157 24.79 0.77 -26.75
C ARG D 157 23.36 1.06 -27.21
N ALA D 158 22.83 0.15 -28.03
CA ALA D 158 21.46 0.29 -28.53
C ALA D 158 20.47 0.27 -27.38
N TYR D 159 20.69 -0.61 -26.42
CA TYR D 159 19.82 -0.72 -25.25
C TYR D 159 19.93 0.51 -24.35
N LEU D 160 21.16 0.91 -24.07
CA LEU D 160 21.43 2.05 -23.20
C LEU D 160 20.92 3.40 -23.71
N GLU D 161 21.08 3.65 -25.01
CA GLU D 161 20.66 4.91 -25.61
C GLU D 161 19.18 4.90 -26.00
N GLY D 162 18.60 3.71 -26.09
CA GLY D 162 17.20 3.60 -26.47
C GLY D 162 16.28 3.09 -25.37
N THR D 163 16.11 1.77 -25.32
CA THR D 163 15.25 1.13 -24.34
C THR D 163 15.37 1.67 -22.91
N CYS D 164 16.59 1.65 -22.37
CA CYS D 164 16.83 2.11 -21.00
C CYS D 164 16.33 3.54 -20.76
N VAL D 165 16.69 4.44 -21.68
CA VAL D 165 16.28 5.84 -21.59
C VAL D 165 14.77 6.00 -21.67
N GLU D 166 14.15 5.32 -22.63
CA GLU D 166 12.71 5.40 -22.81
C GLU D 166 11.93 4.89 -21.61
N TRP D 167 12.32 3.73 -21.08
CA TRP D 167 11.63 3.20 -19.92
C TRP D 167 11.88 4.06 -18.70
N LEU D 168 13.08 4.63 -18.59
CA LEU D 168 13.38 5.51 -17.45
C LEU D 168 12.38 6.68 -17.45
N ARG D 169 12.09 7.20 -18.63
CA ARG D 169 11.14 8.31 -18.76
C ARG D 169 9.76 7.89 -18.27
N ARG D 170 9.33 6.70 -18.67
CA ARG D 170 8.03 6.19 -18.25
C ARG D 170 7.98 6.01 -16.74
N TYR D 171 8.99 5.39 -16.17
CA TYR D 171 9.04 5.18 -14.72
C TYR D 171 9.03 6.50 -13.96
N LEU D 172 9.74 7.49 -14.48
CA LEU D 172 9.78 8.81 -13.85
C LEU D 172 8.42 9.48 -13.89
N LYS D 173 7.68 9.32 -14.99
CA LYS D 173 6.35 9.91 -15.08
C LYS D 173 5.48 9.31 -13.97
N ASN D 174 5.33 7.98 -14.01
CA ASN D 174 4.52 7.25 -13.04
C ASN D 174 4.92 7.43 -11.57
N GLY D 175 6.22 7.58 -11.31
CA GLY D 175 6.65 7.72 -9.93
C GLY D 175 7.01 9.12 -9.48
N ASN D 176 6.77 10.10 -10.33
CA ASN D 176 7.10 11.50 -10.04
C ASN D 176 6.66 12.00 -8.66
N ALA D 177 5.37 11.94 -8.38
CA ALA D 177 4.83 12.42 -7.10
C ALA D 177 5.47 11.76 -5.89
N THR D 178 6.16 10.64 -6.10
CA THR D 178 6.80 9.92 -5.02
C THR D 178 8.32 10.12 -5.02
N LEU D 179 8.94 9.95 -6.18
CA LEU D 179 10.39 10.08 -6.35
C LEU D 179 10.97 11.45 -5.97
N LEU D 180 10.19 12.51 -6.17
CA LEU D 180 10.65 13.85 -5.86
C LEU D 180 10.69 14.12 -4.35
N ARG D 181 10.07 13.23 -3.57
CA ARG D 181 10.03 13.38 -2.12
C ARG D 181 11.33 13.91 -1.52
N THR D 182 11.18 14.78 -0.52
CA THR D 182 12.33 15.35 0.15
C THR D 182 11.96 15.71 1.59
N ASP D 183 12.59 15.00 2.53
CA ASP D 183 12.36 15.22 3.95
C ASP D 183 13.61 15.85 4.56
N SER D 184 13.48 17.11 4.98
CA SER D 184 14.61 17.82 5.57
C SER D 184 14.97 17.29 6.95
N PRO D 185 16.25 17.41 7.32
CA PRO D 185 16.67 16.92 8.63
C PRO D 185 16.23 17.80 9.78
N LYS D 186 15.96 17.17 10.92
CA LYS D 186 15.60 17.87 12.14
C LYS D 186 16.84 17.61 12.99
N ALA D 187 17.52 18.67 13.40
CA ALA D 187 18.74 18.49 14.17
C ALA D 187 18.71 19.02 15.59
N HIS D 188 19.67 18.54 16.39
CA HIS D 188 19.82 18.95 17.79
C HIS D 188 21.17 18.48 18.28
N VAL D 189 21.66 19.10 19.34
CA VAL D 189 22.96 18.74 19.89
C VAL D 189 22.86 18.06 21.25
N THR D 190 23.64 17.01 21.46
CA THR D 190 23.67 16.35 22.77
C THR D 190 25.03 16.61 23.41
N HIS D 191 25.07 16.52 24.73
CA HIS D 191 26.26 16.80 25.51
C HIS D 191 26.61 15.54 26.31
N HIS D 192 27.86 15.10 26.20
CA HIS D 192 28.30 13.89 26.90
C HIS D 192 29.62 14.14 27.60
N SER D 193 29.78 13.55 28.78
CA SER D 193 30.99 13.74 29.56
C SER D 193 32.21 13.06 28.95
N ARG D 194 33.37 13.56 29.33
CA ARG D 194 34.64 13.00 28.89
C ARG D 194 35.61 13.11 30.05
N PRO D 195 36.56 12.17 30.16
CA PRO D 195 37.51 12.24 31.27
C PRO D 195 38.14 13.62 31.41
N GLU D 196 38.14 14.12 32.64
CA GLU D 196 38.71 15.42 32.98
C GLU D 196 37.86 16.61 32.56
N ASP D 197 38.52 17.67 32.12
CA ASP D 197 37.84 18.90 31.73
C ASP D 197 37.41 18.98 30.27
N LYS D 198 37.01 17.86 29.71
CA LYS D 198 36.57 17.83 28.31
C LYS D 198 35.15 17.27 28.19
N VAL D 199 34.44 17.66 27.14
CA VAL D 199 33.09 17.18 26.92
C VAL D 199 32.89 16.93 25.43
N THR D 200 31.93 16.09 25.10
CA THR D 200 31.64 15.79 23.71
C THR D 200 30.31 16.41 23.32
N LEU D 201 30.32 17.13 22.21
CA LEU D 201 29.10 17.73 21.69
C LEU D 201 28.83 16.91 20.43
N ARG D 202 27.63 16.36 20.36
CA ARG D 202 27.24 15.52 19.22
C ARG D 202 26.06 16.14 18.49
N CYS D 203 26.26 16.40 17.21
CA CYS D 203 25.22 17.01 16.39
C CYS D 203 24.47 15.94 15.63
N TRP D 204 23.17 15.82 15.90
CA TRP D 204 22.34 14.82 15.23
C TRP D 204 21.47 15.41 14.13
N ALA D 205 21.33 14.65 13.05
CA ALA D 205 20.49 15.01 11.91
C ALA D 205 19.62 13.77 11.77
N LEU D 206 18.31 13.94 11.97
CA LEU D 206 17.38 12.83 11.92
C LEU D 206 16.18 12.99 10.98
N GLY D 207 15.69 11.85 10.49
CA GLY D 207 14.53 11.82 9.61
C GLY D 207 14.66 12.51 8.26
N PHE D 208 15.86 12.56 7.70
CA PHE D 208 16.01 13.21 6.42
C PHE D 208 16.01 12.27 5.22
N TYR D 209 15.70 12.83 4.06
CA TYR D 209 15.64 12.09 2.80
C TYR D 209 15.74 13.09 1.65
N PRO D 210 16.57 12.81 0.64
CA PRO D 210 17.42 11.61 0.51
C PRO D 210 18.57 11.57 1.52
N ALA D 211 19.37 10.50 1.43
CA ALA D 211 20.49 10.29 2.34
C ALA D 211 21.60 11.34 2.31
N ASP D 212 21.81 11.95 1.14
CA ASP D 212 22.84 12.97 0.97
C ASP D 212 22.70 14.10 1.99
N ILE D 213 23.76 14.35 2.74
CA ILE D 213 23.74 15.39 3.77
C ILE D 213 25.16 15.73 4.17
N THR D 214 25.35 16.90 4.75
CA THR D 214 26.67 17.34 5.20
C THR D 214 26.54 17.93 6.61
N LEU D 215 27.42 17.52 7.50
CA LEU D 215 27.43 18.02 8.88
C LEU D 215 28.81 18.53 9.20
N THR D 216 28.88 19.73 9.79
CA THR D 216 30.18 20.30 10.15
C THR D 216 30.11 21.00 11.50
N TRP D 217 31.27 21.13 12.14
CA TRP D 217 31.36 21.82 13.41
C TRP D 217 32.26 23.02 13.19
N GLN D 218 31.91 24.14 13.81
CA GLN D 218 32.72 25.35 13.69
C GLN D 218 33.05 25.94 15.05
N LEU D 219 34.26 26.49 15.16
CA LEU D 219 34.71 27.15 16.37
C LEU D 219 34.77 28.63 15.98
N ASN D 220 33.82 29.41 16.48
CA ASN D 220 33.75 30.84 16.16
C ASN D 220 33.93 31.05 14.65
N GLY D 221 33.01 30.51 13.84
CA GLY D 221 33.10 30.69 12.40
C GLY D 221 34.18 29.95 11.61
N GLU D 222 34.98 29.14 12.30
CA GLU D 222 36.03 28.39 11.60
C GLU D 222 35.70 26.89 11.64
N GLU D 223 35.76 26.22 10.50
CA GLU D 223 35.44 24.79 10.44
C GLU D 223 36.45 23.89 11.13
N LEU D 224 35.94 22.92 11.89
CA LEU D 224 36.77 21.96 12.61
C LEU D 224 36.73 20.59 11.97
N ILE D 225 37.08 20.51 10.68
CA ILE D 225 37.05 19.23 9.98
C ILE D 225 38.20 18.29 10.40
N GLN D 226 39.00 18.73 11.36
CA GLN D 226 40.13 17.92 11.83
C GLN D 226 39.74 16.79 12.79
N ASP D 227 39.70 17.08 14.10
CA ASP D 227 39.35 16.07 15.10
C ASP D 227 37.85 15.89 15.29
N MET D 228 37.09 15.87 14.20
CA MET D 228 35.66 15.69 14.27
C MET D 228 35.27 14.26 13.93
N GLU D 229 34.65 13.57 14.89
CA GLU D 229 34.22 12.19 14.67
C GLU D 229 32.82 12.15 14.08
N LEU D 230 32.52 11.13 13.30
CA LEU D 230 31.21 11.02 12.70
C LEU D 230 30.91 9.62 12.20
N VAL D 231 29.64 9.31 12.02
CA VAL D 231 29.23 8.00 11.54
C VAL D 231 28.72 8.08 10.12
N GLU D 232 28.79 6.94 9.44
CA GLU D 232 28.28 6.87 8.08
C GLU D 232 26.78 7.04 8.20
N THR D 233 26.18 7.71 7.23
CA THR D 233 24.74 7.91 7.22
C THR D 233 24.08 6.54 7.28
N ARG D 234 23.00 6.43 8.04
CA ARG D 234 22.33 5.15 8.21
C ARG D 234 20.81 5.23 8.12
N PRO D 235 20.16 4.13 7.72
CA PRO D 235 18.70 4.11 7.62
C PRO D 235 17.98 3.96 8.96
N ALA D 236 16.96 4.77 9.19
CA ALA D 236 16.19 4.68 10.42
C ALA D 236 15.34 3.42 10.31
N GLY D 237 15.04 3.03 9.08
CA GLY D 237 14.24 1.84 8.83
C GLY D 237 12.81 2.15 8.42
N ASP D 238 12.47 3.43 8.33
CA ASP D 238 11.14 3.85 7.94
C ASP D 238 11.18 4.66 6.65
N GLY D 239 12.33 4.65 5.99
CA GLY D 239 12.47 5.40 4.76
C GLY D 239 13.34 6.64 4.91
N THR D 240 13.55 7.09 6.15
CA THR D 240 14.37 8.27 6.38
C THR D 240 15.76 7.87 6.89
N PHE D 241 16.70 8.82 6.87
CA PHE D 241 18.06 8.54 7.31
C PHE D 241 18.48 9.29 8.57
N GLN D 242 19.64 8.92 9.10
CA GLN D 242 20.20 9.52 10.32
C GLN D 242 21.71 9.70 10.16
N LYS D 243 22.26 10.66 10.89
CA LYS D 243 23.71 10.89 10.87
C LYS D 243 24.09 11.80 12.05
N TRP D 244 25.33 11.70 12.50
CA TRP D 244 25.81 12.59 13.56
C TRP D 244 27.29 12.89 13.43
N ALA D 245 27.68 14.04 13.98
CA ALA D 245 29.07 14.49 13.96
C ALA D 245 29.35 15.01 15.36
N SER D 246 30.52 14.69 15.91
CA SER D 246 30.85 15.16 17.25
C SER D 246 32.27 15.71 17.34
N VAL D 247 32.49 16.59 18.33
CA VAL D 247 33.79 17.18 18.56
C VAL D 247 34.01 17.21 20.07
N VAL D 248 35.26 17.12 20.50
CA VAL D 248 35.58 17.18 21.92
C VAL D 248 35.99 18.62 22.21
N VAL D 249 35.36 19.25 23.20
CA VAL D 249 35.67 20.63 23.53
C VAL D 249 35.93 20.83 25.02
N PRO D 250 36.56 21.96 25.39
CA PRO D 250 36.84 22.22 26.81
C PRO D 250 35.57 22.44 27.59
N LEU D 251 35.55 21.97 28.83
CA LEU D 251 34.40 22.15 29.70
C LEU D 251 34.20 23.66 29.85
N GLY D 252 32.96 24.12 29.71
CA GLY D 252 32.69 25.54 29.84
C GLY D 252 32.81 26.35 28.56
N LYS D 253 33.22 25.72 27.46
CA LYS D 253 33.39 26.42 26.20
C LYS D 253 32.40 25.96 25.13
N GLU D 254 31.37 25.24 25.57
CA GLU D 254 30.39 24.71 24.65
C GLU D 254 29.69 25.76 23.78
N GLN D 255 29.52 26.96 24.31
CA GLN D 255 28.85 28.01 23.56
C GLN D 255 29.69 28.68 22.49
N TYR D 256 30.94 28.22 22.32
CA TYR D 256 31.82 28.79 21.30
C TYR D 256 31.73 27.94 20.04
N TYR D 257 30.99 26.84 20.11
CA TYR D 257 30.89 25.94 18.96
C TYR D 257 29.49 25.87 18.36
N THR D 258 29.44 25.75 17.03
CA THR D 258 28.15 25.65 16.37
C THR D 258 28.18 24.51 15.35
N CYS D 259 27.05 23.85 15.19
CA CYS D 259 26.94 22.77 14.23
C CYS D 259 26.18 23.25 13.01
N HIS D 260 26.62 22.80 11.83
CA HIS D 260 25.98 23.19 10.58
C HIS D 260 25.52 21.99 9.76
N VAL D 261 24.23 21.97 9.44
CA VAL D 261 23.63 20.90 8.68
C VAL D 261 23.25 21.35 7.27
N TYR D 262 23.92 20.78 6.28
CA TYR D 262 23.67 21.11 4.87
C TYR D 262 22.93 19.97 4.19
N HIS D 263 21.65 20.16 3.90
CA HIS D 263 20.86 19.13 3.23
C HIS D 263 20.17 19.76 2.02
N GLN D 264 20.07 19.01 0.93
CA GLN D 264 19.45 19.52 -0.27
C GLN D 264 17.98 19.89 -0.06
N GLY D 265 17.44 19.55 1.10
CA GLY D 265 16.04 19.86 1.39
C GLY D 265 15.89 21.06 2.32
N LEU D 266 17.00 21.70 2.64
CA LEU D 266 16.97 22.86 3.53
C LEU D 266 17.04 24.19 2.77
N PRO D 267 16.00 25.02 2.92
CA PRO D 267 16.00 26.31 2.22
C PRO D 267 17.31 27.04 2.55
N GLU D 268 17.75 26.86 3.79
CA GLU D 268 18.99 27.46 4.29
C GLU D 268 19.65 26.49 5.28
N PRO D 269 20.97 26.30 5.19
CA PRO D 269 21.69 25.39 6.08
C PRO D 269 21.47 25.70 7.56
N LEU D 270 21.13 24.65 8.33
CA LEU D 270 20.86 24.78 9.76
C LEU D 270 22.06 25.12 10.62
N THR D 271 21.84 25.97 11.60
CA THR D 271 22.89 26.35 12.54
C THR D 271 22.31 26.14 13.94
N LEU D 272 23.07 25.47 14.79
CA LEU D 272 22.63 25.22 16.15
C LEU D 272 23.79 25.01 17.09
N ARG D 273 23.48 25.05 18.39
CA ARG D 273 24.49 24.89 19.42
C ARG D 273 23.92 24.07 20.55
N TRP D 274 24.79 23.76 21.51
CA TRP D 274 24.39 23.02 22.68
C TRP D 274 23.45 23.91 23.49
N GLU D 275 22.29 23.38 23.83
CA GLU D 275 21.33 24.12 24.63
C GLU D 275 21.12 23.34 25.93
N PRO D 276 21.66 23.84 27.04
CA PRO D 276 21.50 23.14 28.31
C PRO D 276 20.03 23.18 28.73
N PRO D 277 19.38 22.01 28.88
CA PRO D 277 17.97 21.96 29.29
C PRO D 277 17.61 23.03 30.33
N PRO D 278 16.42 23.63 30.21
CA PRO D 278 15.92 24.67 31.11
C PRO D 278 16.06 24.36 32.59
N MET E 1 39.55 -15.42 -5.00
CA MET E 1 38.83 -15.07 -3.73
C MET E 1 39.29 -13.76 -3.12
N ILE E 2 38.35 -13.05 -2.51
CA ILE E 2 38.61 -11.77 -1.85
C ILE E 2 37.55 -11.63 -0.77
N GLN E 3 37.90 -10.97 0.34
CA GLN E 3 36.93 -10.81 1.41
C GLN E 3 37.02 -9.47 2.10
N LYS E 4 35.87 -8.82 2.26
CA LYS E 4 35.81 -7.52 2.92
C LYS E 4 35.09 -7.70 4.26
N THR E 5 35.66 -7.10 5.30
CA THR E 5 35.11 -7.17 6.65
C THR E 5 33.90 -6.26 6.86
N PRO E 6 32.85 -6.79 7.49
CA PRO E 6 31.61 -6.05 7.75
C PRO E 6 31.78 -4.86 8.69
N GLN E 7 31.18 -3.72 8.32
CA GLN E 7 31.18 -2.54 9.15
C GLN E 7 29.83 -2.63 9.85
N ILE E 8 29.79 -2.37 11.16
CA ILE E 8 28.56 -2.49 11.93
C ILE E 8 28.15 -1.29 12.75
N GLN E 9 26.86 -0.96 12.70
CA GLN E 9 26.30 0.13 13.51
C GLN E 9 25.05 -0.40 14.21
N VAL E 10 24.92 -0.12 15.51
CA VAL E 10 23.75 -0.58 16.27
C VAL E 10 23.15 0.70 16.83
N TYR E 11 21.87 0.91 16.57
CA TYR E 11 21.21 2.15 17.00
C TYR E 11 19.71 2.04 16.96
N SER E 12 19.02 2.94 17.66
CA SER E 12 17.56 2.94 17.67
C SER E 12 16.98 3.80 16.55
N ARG E 13 15.76 3.50 16.15
CA ARG E 13 15.10 4.27 15.09
C ARG E 13 14.69 5.63 15.63
N HIS E 14 14.32 5.66 16.91
CA HIS E 14 13.89 6.90 17.56
C HIS E 14 14.78 7.20 18.75
N PRO E 15 14.86 8.48 19.15
CA PRO E 15 15.70 8.79 20.30
C PRO E 15 15.24 7.84 21.41
N PRO E 16 16.20 7.16 22.06
CA PRO E 16 15.85 6.22 23.14
C PRO E 16 15.31 6.87 24.40
N GLU E 17 14.20 6.34 24.88
CA GLU E 17 13.58 6.83 26.10
C GLU E 17 13.19 5.60 26.90
N ASN E 18 13.75 5.45 28.09
CA ASN E 18 13.45 4.29 28.91
C ASN E 18 11.94 4.13 29.09
N GLY E 19 11.45 2.92 28.81
CA GLY E 19 10.04 2.65 28.96
C GLY E 19 9.20 2.83 27.70
N LYS E 20 9.76 3.46 26.68
CA LYS E 20 9.01 3.69 25.45
C LYS E 20 9.38 2.74 24.30
N PRO E 21 8.38 2.03 23.74
CA PRO E 21 8.61 1.11 22.64
C PRO E 21 9.40 1.80 21.53
N ASN E 22 10.38 1.10 20.98
CA ASN E 22 11.23 1.65 19.94
C ASN E 22 11.61 0.51 18.99
N ILE E 23 12.58 0.76 18.13
CA ILE E 23 13.07 -0.25 17.19
C ILE E 23 14.59 -0.21 17.24
N LEU E 24 15.22 -1.36 17.41
CA LEU E 24 16.68 -1.40 17.46
C LEU E 24 17.19 -1.91 16.13
N ASN E 25 18.09 -1.15 15.52
CA ASN E 25 18.65 -1.54 14.22
C ASN E 25 20.09 -2.02 14.34
N CYS E 26 20.46 -2.90 13.42
CA CYS E 26 21.83 -3.38 13.32
C CYS E 26 22.11 -3.29 11.84
N TYR E 27 22.84 -2.25 11.45
CA TYR E 27 23.18 -1.97 10.05
C TYR E 27 24.56 -2.51 9.70
N VAL E 28 24.59 -3.52 8.84
CA VAL E 28 25.83 -4.18 8.44
C VAL E 28 26.15 -3.88 6.98
N THR E 29 27.32 -3.29 6.74
CA THR E 29 27.75 -2.91 5.39
C THR E 29 29.17 -3.34 5.05
N GLN E 30 29.54 -3.10 3.80
CA GLN E 30 30.88 -3.36 3.26
C GLN E 30 31.44 -4.76 3.39
N PHE E 31 30.60 -5.78 3.33
CA PHE E 31 31.08 -7.15 3.44
C PHE E 31 30.98 -7.92 2.13
N HIS E 32 31.79 -8.96 2.01
CA HIS E 32 31.83 -9.80 0.81
C HIS E 32 32.69 -11.01 1.22
N PRO E 33 32.24 -12.24 0.93
CA PRO E 33 31.01 -12.70 0.26
C PRO E 33 29.70 -12.31 0.95
N PRO E 34 28.59 -12.39 0.21
CA PRO E 34 27.27 -12.04 0.76
C PRO E 34 26.73 -12.91 1.91
N HIS E 35 27.19 -14.13 2.04
CA HIS E 35 26.69 -14.97 3.13
C HIS E 35 27.14 -14.38 4.47
N ILE E 36 26.18 -14.18 5.36
CA ILE E 36 26.47 -13.58 6.65
C ILE E 36 25.41 -13.99 7.67
N GLU E 37 25.81 -14.08 8.93
CA GLU E 37 24.91 -14.46 10.01
C GLU E 37 24.82 -13.30 11.02
N ILE E 38 23.62 -12.84 11.29
CA ILE E 38 23.41 -11.72 12.19
C ILE E 38 22.45 -12.08 13.31
N GLN E 39 22.86 -11.82 14.55
CA GLN E 39 22.02 -12.09 15.71
C GLN E 39 21.96 -10.83 16.56
N MET E 40 20.82 -10.61 17.19
CA MET E 40 20.69 -9.47 18.07
C MET E 40 20.52 -10.08 19.44
N LEU E 41 21.23 -9.53 20.42
CA LEU E 41 21.20 -10.06 21.78
C LEU E 41 20.71 -9.06 22.82
N LYS E 42 20.05 -9.58 23.84
CA LYS E 42 19.58 -8.77 24.94
C LYS E 42 20.16 -9.42 26.19
N ASN E 43 21.07 -8.71 26.84
CA ASN E 43 21.74 -9.19 28.04
C ASN E 43 22.45 -10.52 27.78
N GLY E 44 23.02 -10.63 26.57
CA GLY E 44 23.75 -11.82 26.19
C GLY E 44 22.94 -12.98 25.60
N LYS E 45 21.62 -12.90 25.69
CA LYS E 45 20.75 -13.95 25.18
C LYS E 45 20.16 -13.56 23.82
N LYS E 46 20.22 -14.49 22.86
CA LYS E 46 19.70 -14.23 21.52
C LYS E 46 18.23 -13.80 21.53
N ILE E 47 17.95 -12.71 20.80
CA ILE E 47 16.60 -12.18 20.69
C ILE E 47 15.84 -12.98 19.63
N PRO E 48 14.64 -13.46 19.98
CA PRO E 48 13.74 -14.26 19.14
C PRO E 48 13.36 -13.66 17.79
N LYS E 49 12.46 -12.68 17.81
CA LYS E 49 11.99 -12.04 16.60
C LYS E 49 12.88 -10.92 16.08
N VAL E 50 13.70 -11.24 15.08
CA VAL E 50 14.60 -10.26 14.47
C VAL E 50 14.35 -10.28 12.97
N GLU E 51 13.83 -9.18 12.45
CA GLU E 51 13.54 -9.11 11.02
C GLU E 51 14.77 -8.69 10.20
N MET E 52 14.83 -9.19 8.97
CA MET E 52 15.94 -8.92 8.07
C MET E 52 15.48 -8.31 6.76
N SER E 53 16.09 -7.20 6.37
CA SER E 53 15.74 -6.56 5.10
C SER E 53 16.35 -7.42 4.00
N ASP E 54 15.86 -7.29 2.78
CA ASP E 54 16.43 -8.04 1.68
C ASP E 54 17.85 -7.50 1.52
N MET E 55 18.74 -8.31 0.97
CA MET E 55 20.11 -7.86 0.82
C MET E 55 20.34 -7.12 -0.49
N SER E 56 21.23 -6.14 -0.45
CA SER E 56 21.55 -5.34 -1.62
C SER E 56 23.05 -5.15 -1.67
N PHE E 57 23.56 -4.59 -2.76
CA PHE E 57 24.98 -4.31 -2.85
C PHE E 57 25.22 -2.93 -3.46
N SER E 58 26.30 -2.28 -3.03
CA SER E 58 26.64 -0.93 -3.47
C SER E 58 27.51 -0.90 -4.72
N LYS E 59 27.76 0.31 -5.23
CA LYS E 59 28.56 0.52 -6.42
C LYS E 59 29.94 -0.12 -6.32
N ASP E 60 30.47 -0.26 -5.11
CA ASP E 60 31.78 -0.88 -4.92
C ASP E 60 31.69 -2.40 -4.77
N TRP E 61 30.51 -2.94 -5.05
CA TRP E 61 30.24 -4.38 -5.00
C TRP E 61 29.97 -4.98 -3.61
N SER E 62 30.28 -4.26 -2.55
CA SER E 62 30.05 -4.79 -1.21
C SER E 62 28.56 -4.85 -0.86
N PHE E 63 28.20 -5.82 -0.02
CA PHE E 63 26.80 -5.99 0.37
C PHE E 63 26.41 -5.27 1.65
N TYR E 64 25.12 -5.05 1.85
CA TYR E 64 24.64 -4.37 3.04
C TYR E 64 23.24 -4.86 3.36
N ILE E 65 22.91 -4.85 4.65
CA ILE E 65 21.63 -5.34 5.09
C ILE E 65 21.25 -4.70 6.41
N LEU E 66 19.96 -4.57 6.65
CA LEU E 66 19.48 -3.99 7.89
C LEU E 66 18.66 -5.02 8.66
N ALA E 67 19.10 -5.29 9.88
CA ALA E 67 18.40 -6.21 10.77
C ALA E 67 17.78 -5.30 11.80
N HIS E 68 16.56 -5.62 12.22
CA HIS E 68 15.90 -4.80 13.21
C HIS E 68 14.95 -5.63 14.06
N THR E 69 14.70 -5.15 15.26
CA THR E 69 13.81 -5.82 16.18
C THR E 69 13.15 -4.77 17.08
N GLU E 70 11.95 -5.09 17.56
CA GLU E 70 11.23 -4.18 18.44
C GLU E 70 11.81 -4.36 19.82
N PHE E 71 11.92 -3.26 20.57
CA PHE E 71 12.42 -3.33 21.93
C PHE E 71 12.01 -2.11 22.72
N THR E 72 12.06 -2.24 24.04
CA THR E 72 11.70 -1.15 24.94
C THR E 72 12.89 -0.98 25.86
N PRO E 73 13.75 -0.01 25.57
CA PRO E 73 14.94 0.23 26.40
C PRO E 73 14.66 0.60 27.84
N THR E 74 15.60 0.26 28.70
CA THR E 74 15.53 0.57 30.12
C THR E 74 16.92 1.06 30.51
N GLU E 75 17.06 1.56 31.72
CA GLU E 75 18.34 2.08 32.17
C GLU E 75 19.46 1.04 32.21
N THR E 76 19.14 -0.20 32.53
CA THR E 76 20.18 -1.21 32.66
C THR E 76 20.29 -2.35 31.65
N ASP E 77 19.28 -2.56 30.80
CA ASP E 77 19.38 -3.64 29.82
C ASP E 77 20.45 -3.38 28.76
N THR E 78 21.21 -4.40 28.43
CA THR E 78 22.25 -4.30 27.44
C THR E 78 21.79 -4.96 26.14
N TYR E 79 22.13 -4.35 25.01
CA TYR E 79 21.78 -4.90 23.70
C TYR E 79 23.01 -4.92 22.83
N ALA E 80 23.06 -5.89 21.93
CA ALA E 80 24.20 -6.01 21.05
C ALA E 80 23.82 -6.71 19.77
N CYS E 81 24.70 -6.58 18.79
CA CYS E 81 24.50 -7.22 17.50
C CYS E 81 25.75 -8.07 17.31
N ARG E 82 25.56 -9.35 16.96
CA ARG E 82 26.69 -10.25 16.73
C ARG E 82 26.68 -10.72 15.30
N VAL E 83 27.78 -10.47 14.61
CA VAL E 83 27.91 -10.82 13.21
C VAL E 83 28.99 -11.87 12.98
N LYS E 84 28.66 -12.92 12.22
CA LYS E 84 29.62 -13.95 11.88
C LYS E 84 29.84 -13.87 10.38
N HIS E 85 31.08 -13.71 9.95
CA HIS E 85 31.36 -13.59 8.53
C HIS E 85 32.70 -14.22 8.17
N ASP E 86 32.75 -14.80 6.98
CA ASP E 86 33.94 -15.47 6.47
C ASP E 86 35.22 -14.64 6.62
N SER E 87 35.11 -13.32 6.49
CA SER E 87 36.26 -12.42 6.60
C SER E 87 36.86 -12.30 7.99
N MET E 88 36.13 -12.74 9.01
CA MET E 88 36.62 -12.64 10.37
C MET E 88 36.86 -14.01 10.99
N ALA E 89 37.91 -14.11 11.79
CA ALA E 89 38.27 -15.36 12.46
C ALA E 89 37.16 -15.76 13.43
N GLU E 90 36.68 -14.80 14.20
CA GLU E 90 35.63 -15.05 15.18
C GLU E 90 34.47 -14.07 14.99
N PRO E 91 33.32 -14.34 15.63
CA PRO E 91 32.17 -13.44 15.50
C PRO E 91 32.43 -12.08 16.15
N LYS E 92 31.98 -11.02 15.50
CA LYS E 92 32.16 -9.67 16.02
C LYS E 92 30.89 -9.22 16.74
N THR E 93 31.05 -8.78 17.99
CA THR E 93 29.92 -8.32 18.79
C THR E 93 29.99 -6.80 19.01
N VAL E 94 28.95 -6.08 18.60
CA VAL E 94 28.89 -4.62 18.77
C VAL E 94 27.75 -4.26 19.72
N TYR E 95 28.09 -3.55 20.79
CA TYR E 95 27.09 -3.17 21.78
C TYR E 95 26.40 -1.88 21.42
N TRP E 96 25.14 -1.78 21.81
CA TRP E 96 24.36 -0.56 21.57
C TRP E 96 24.78 0.49 22.58
N ASP E 97 25.16 1.66 22.07
CA ASP E 97 25.55 2.78 22.90
C ASP E 97 24.46 3.80 22.57
N ARG E 98 23.58 4.08 23.54
CA ARG E 98 22.47 5.01 23.31
C ARG E 98 22.86 6.45 22.96
N ASP E 99 24.12 6.80 23.13
CA ASP E 99 24.58 8.15 22.81
C ASP E 99 25.21 8.16 21.42
N MET E 100 25.03 7.08 20.66
CA MET E 100 25.63 7.00 19.34
C MET E 100 24.74 6.41 18.24
N SER F 1 12.98 -1.41 -17.80
CA SER F 1 13.15 -2.80 -18.27
C SER F 1 14.62 -3.17 -18.40
N SER F 2 14.95 -4.38 -17.98
CA SER F 2 16.31 -4.85 -18.01
C SER F 2 16.73 -5.36 -19.39
N ILE F 3 18.03 -5.63 -19.53
CA ILE F 3 18.55 -6.17 -20.78
C ILE F 3 18.89 -7.64 -20.59
N GLU F 4 18.86 -8.40 -21.69
CA GLU F 4 19.22 -9.81 -21.65
C GLU F 4 20.74 -9.85 -21.69
N PHE F 5 21.37 -10.49 -20.72
CA PHE F 5 22.83 -10.53 -20.68
C PHE F 5 23.44 -11.55 -21.64
N ALA F 6 24.63 -11.22 -22.15
CA ALA F 6 25.35 -12.13 -23.03
C ALA F 6 26.17 -12.96 -22.05
N ARG F 7 26.72 -14.08 -22.51
CA ARG F 7 27.51 -14.90 -21.59
C ARG F 7 28.99 -14.57 -21.62
N LEU F 8 29.63 -14.76 -20.47
CA LEU F 8 31.05 -14.49 -20.31
C LEU F 8 31.89 -15.57 -20.99
#